data_7STC
#
_entry.id   7STC
#
_cell.length_a   89.681
_cell.length_b   90.649
_cell.length_c   184.767
_cell.angle_alpha   90
_cell.angle_beta   90
_cell.angle_gamma   90
#
_symmetry.space_group_name_H-M   'P 21 21 21'
#
loop_
_entity.id
_entity.type
_entity.pdbx_description
1 polymer Aquaporin-5
2 non-polymer 'NICKEL (II) ION'
3 water water
#
_entity_poly.entity_id   1
_entity_poly.type   'polypeptide(L)'
_entity_poly.pdbx_seq_one_letter_code
;MSKKEVCSVAFLKAVFAEFLATLIFVFFGLGSALKWPSALPHILQIALAFGLAIGTLAQALGPVSGGHINPAITLALLVG
NQISLLRAFFYVAAQLVGAIAGAGILYGVAPLNARGNLAVNALNNNTTQGQAMVVELILTFQLALCIFASTDSRRTSPVG
SPALSIGLSVTLGHLVGIYFTGCSMNPARSFGPAVVMNRFSPAHWVFWVGPIVGAVLAAILYFYLLFPNSLSLSERVAII
KGTYEPDEDWEEQREERKKTMELTTR
;
_entity_poly.pdbx_strand_id   A,B,C,D
#
loop_
_chem_comp.id
_chem_comp.type
_chem_comp.name
_chem_comp.formula
NI non-polymer 'NICKEL (II) ION' 'Ni 2'
#
# COMPACT_ATOMS: atom_id res chain seq x y z
N SER A 2 20.61 -29.53 19.96
CA SER A 2 21.71 -29.42 19.01
C SER A 2 22.61 -28.23 19.32
N LYS A 3 23.69 -28.45 20.06
CA LYS A 3 24.63 -27.39 20.38
C LYS A 3 25.37 -26.85 19.14
N LYS A 4 25.44 -27.64 18.06
CA LYS A 4 26.08 -27.21 16.81
C LYS A 4 25.18 -26.25 16.02
N GLU A 5 23.85 -26.34 16.18
CA GLU A 5 22.92 -25.42 15.53
C GLU A 5 23.09 -24.04 16.17
N VAL A 6 23.19 -24.00 17.52
CA VAL A 6 23.38 -22.77 18.30
C VAL A 6 24.79 -22.21 18.11
N CYS A 7 25.79 -23.09 18.04
CA CYS A 7 27.18 -22.67 17.84
C CYS A 7 27.43 -22.62 16.35
N SER A 8 26.95 -21.55 15.73
CA SER A 8 27.03 -21.34 14.29
C SER A 8 26.97 -19.82 14.04
N VAL A 9 27.75 -19.33 13.07
CA VAL A 9 27.75 -17.90 12.73
C VAL A 9 26.36 -17.48 12.23
N ALA A 10 25.66 -18.37 11.51
CA ALA A 10 24.32 -18.14 11.01
C ALA A 10 23.31 -17.97 12.16
N PHE A 11 23.44 -18.77 13.23
CA PHE A 11 22.57 -18.66 14.40
C PHE A 11 22.89 -17.39 15.20
N LEU A 12 24.19 -17.02 15.27
CA LEU A 12 24.59 -15.80 15.97
C LEU A 12 23.97 -14.57 15.30
N LYS A 13 23.98 -14.55 13.95
CA LYS A 13 23.41 -13.45 13.19
C LYS A 13 21.89 -13.43 13.29
N ALA A 14 21.24 -14.61 13.31
CA ALA A 14 19.78 -14.73 13.44
C ALA A 14 19.25 -14.14 14.79
N VAL A 15 19.84 -14.56 15.93
CA VAL A 15 19.50 -14.06 17.26
C VAL A 15 19.77 -12.55 17.37
N PHE A 16 20.84 -12.04 16.73
CA PHE A 16 21.11 -10.61 16.75
C PHE A 16 20.04 -9.87 15.94
N ALA A 17 19.64 -10.43 14.79
CA ALA A 17 18.62 -9.83 13.93
C ALA A 17 17.29 -9.71 14.68
N GLU A 18 16.88 -10.76 15.40
CA GLU A 18 15.65 -10.72 16.20
C GLU A 18 15.69 -9.63 17.24
N PHE A 19 16.84 -9.50 17.94
CA PHE A 19 17.03 -8.43 18.92
C PHE A 19 16.88 -7.05 18.27
N LEU A 20 17.66 -6.76 17.22
CA LEU A 20 17.70 -5.48 16.51
C LEU A 20 16.37 -5.12 15.90
N ALA A 21 15.65 -6.11 15.34
CA ALA A 21 14.36 -5.89 14.74
C ALA A 21 13.37 -5.51 15.81
N THR A 22 13.35 -6.22 16.95
CA THR A 22 12.42 -5.87 18.04
C THR A 22 12.74 -4.50 18.65
N LEU A 23 14.02 -4.13 18.76
CA LEU A 23 14.45 -2.81 19.24
C LEU A 23 13.83 -1.71 18.35
N ILE A 24 14.02 -1.82 17.01
CA ILE A 24 13.50 -0.88 16.02
C ILE A 24 11.95 -0.87 15.93
N PHE A 25 11.29 -2.04 16.04
CA PHE A 25 9.83 -2.12 15.99
C PHE A 25 9.23 -1.35 17.16
N VAL A 26 9.71 -1.63 18.39
CA VAL A 26 9.22 -0.98 19.60
C VAL A 26 9.55 0.54 19.61
N PHE A 27 10.77 0.97 19.23
CA PHE A 27 11.08 2.41 19.17
C PHE A 27 10.12 3.18 18.24
N PHE A 28 9.91 2.68 17.02
CA PHE A 28 9.04 3.33 16.03
C PHE A 28 7.57 3.28 16.43
N GLY A 29 7.14 2.13 16.94
CA GLY A 29 5.76 1.95 17.36
C GLY A 29 5.37 2.86 18.50
N LEU A 30 6.05 2.72 19.65
CA LEU A 30 5.76 3.56 20.80
C LEU A 30 5.94 5.05 20.52
N GLY A 31 6.96 5.40 19.73
CA GLY A 31 7.24 6.79 19.40
C GLY A 31 6.13 7.45 18.63
N SER A 32 5.46 6.67 17.76
CA SER A 32 4.32 7.14 16.94
C SER A 32 3.04 7.31 17.79
N ALA A 33 2.95 6.63 18.93
CA ALA A 33 1.80 6.67 19.81
C ALA A 33 1.97 7.58 21.02
N LEU A 34 3.17 8.20 21.21
CA LEU A 34 3.37 9.11 22.34
C LEU A 34 2.44 10.30 22.22
N LYS A 35 1.98 10.84 23.36
CA LYS A 35 1.05 11.97 23.34
C LYS A 35 1.81 13.23 23.01
N TRP A 36 2.11 13.46 21.72
CA TRP A 36 2.82 14.65 21.31
C TRP A 36 1.85 15.81 21.38
N PRO A 37 2.15 16.83 22.21
CA PRO A 37 1.22 17.95 22.36
C PRO A 37 0.97 18.78 21.11
N SER A 38 1.96 18.93 20.22
CA SER A 38 1.77 19.73 19.01
C SER A 38 0.61 19.20 18.15
N ALA A 39 0.50 17.86 18.04
CA ALA A 39 -0.59 17.20 17.32
C ALA A 39 -0.71 15.80 17.89
N LEU A 40 -1.82 15.50 18.57
CA LEU A 40 -2.00 14.19 19.17
C LEU A 40 -2.20 13.14 18.09
N PRO A 41 -1.39 12.08 18.11
CA PRO A 41 -1.49 11.06 17.05
C PRO A 41 -2.86 10.42 16.84
N HIS A 42 -3.33 10.46 15.58
CA HIS A 42 -4.58 9.83 15.13
C HIS A 42 -4.38 8.31 15.10
N ILE A 43 -5.46 7.53 15.29
CA ILE A 43 -5.38 6.06 15.23
C ILE A 43 -4.77 5.59 13.91
N LEU A 44 -5.16 6.22 12.80
CA LEU A 44 -4.64 5.85 11.48
C LEU A 44 -3.11 5.96 11.39
N GLN A 45 -2.50 6.99 12.04
CA GLN A 45 -1.03 7.23 12.08
C GLN A 45 -0.31 6.09 12.81
N ILE A 46 -0.83 5.71 14.01
CA ILE A 46 -0.29 4.70 14.90
C ILE A 46 -0.38 3.33 14.27
N ALA A 47 -1.54 3.01 13.68
CA ALA A 47 -1.75 1.71 13.06
C ALA A 47 -0.78 1.54 11.87
N LEU A 48 -0.63 2.60 11.08
CA LEU A 48 0.27 2.56 9.93
C LEU A 48 1.71 2.43 10.36
N ALA A 49 2.12 3.13 11.41
CA ALA A 49 3.50 3.10 11.89
C ALA A 49 3.88 1.73 12.44
N PHE A 50 3.03 1.12 13.24
CA PHE A 50 3.27 -0.22 13.76
C PHE A 50 3.34 -1.24 12.60
N GLY A 51 2.47 -1.09 11.63
CA GLY A 51 2.43 -1.99 10.48
C GLY A 51 3.60 -1.83 9.55
N LEU A 52 3.93 -0.58 9.21
CA LEU A 52 5.06 -0.32 8.32
C LEU A 52 6.40 -0.62 8.97
N ALA A 53 6.50 -0.64 10.31
CA ALA A 53 7.75 -0.99 10.97
C ALA A 53 7.96 -2.49 10.76
N ILE A 54 6.92 -3.30 10.97
CA ILE A 54 6.98 -4.73 10.72
C ILE A 54 7.24 -5.04 9.24
N GLY A 55 6.56 -4.36 8.32
CA GLY A 55 6.75 -4.57 6.89
C GLY A 55 8.18 -4.31 6.45
N THR A 56 8.74 -3.18 6.95
CA THR A 56 10.10 -2.74 6.69
C THR A 56 11.12 -3.70 7.30
N LEU A 57 10.94 -4.11 8.57
CA LEU A 57 11.86 -5.00 9.25
C LEU A 57 11.79 -6.42 8.74
N ALA A 58 10.62 -6.95 8.40
CA ALA A 58 10.54 -8.30 7.81
C ALA A 58 11.23 -8.29 6.43
N GLN A 59 11.19 -7.16 5.71
CA GLN A 59 11.81 -7.03 4.39
C GLN A 59 13.35 -7.01 4.50
N ALA A 60 13.87 -6.37 5.54
CA ALA A 60 15.31 -6.21 5.72
C ALA A 60 15.99 -7.33 6.54
N LEU A 61 15.42 -7.69 7.69
CA LEU A 61 16.01 -8.71 8.54
C LEU A 61 15.37 -10.11 8.41
N GLY A 62 14.31 -10.23 7.62
CA GLY A 62 13.66 -11.50 7.36
C GLY A 62 14.61 -12.53 6.77
N PRO A 63 15.36 -12.21 5.68
CA PRO A 63 16.34 -13.17 5.15
C PRO A 63 17.36 -13.70 6.16
N VAL A 64 17.68 -12.90 7.19
CA VAL A 64 18.63 -13.22 8.27
C VAL A 64 18.10 -14.24 9.29
N SER A 65 16.84 -14.04 9.78
CA SER A 65 16.33 -14.90 10.87
C SER A 65 14.91 -15.41 10.72
N GLY A 66 14.18 -14.87 9.78
CA GLY A 66 12.77 -15.21 9.60
C GLY A 66 11.84 -14.05 9.87
N GLY A 67 12.35 -13.00 10.52
CA GLY A 67 11.61 -11.79 10.82
C GLY A 67 10.45 -12.01 11.75
N HIS A 68 10.60 -12.91 12.75
CA HIS A 68 9.56 -13.23 13.73
C HIS A 68 9.11 -11.95 14.47
N ILE A 69 10.03 -11.29 15.20
CA ILE A 69 9.81 -10.05 15.96
C ILE A 69 8.63 -10.12 16.98
N ASN A 70 8.16 -11.31 17.31
CA ASN A 70 6.99 -11.46 18.17
C ASN A 70 7.06 -12.78 18.87
N PRO A 71 7.25 -12.81 20.20
CA PRO A 71 7.28 -14.10 20.92
C PRO A 71 6.10 -15.04 20.65
N ALA A 72 4.88 -14.50 20.38
CA ALA A 72 3.74 -15.36 20.06
C ALA A 72 3.98 -16.07 18.74
N ILE A 73 4.59 -15.38 17.74
CA ILE A 73 4.87 -16.01 16.44
C ILE A 73 5.98 -17.05 16.59
N THR A 74 7.04 -16.73 17.34
CA THR A 74 8.12 -17.68 17.60
C THR A 74 7.59 -18.97 18.27
N LEU A 75 6.79 -18.83 19.33
CA LEU A 75 6.19 -19.96 20.02
C LEU A 75 5.22 -20.71 19.14
N ALA A 76 4.46 -19.98 18.30
CA ALA A 76 3.51 -20.58 17.38
C ALA A 76 4.24 -21.46 16.34
N LEU A 77 5.38 -20.98 15.81
CA LEU A 77 6.18 -21.77 14.86
C LEU A 77 6.75 -23.03 15.52
N LEU A 78 7.11 -22.95 16.81
CA LEU A 78 7.59 -24.09 17.59
C LEU A 78 6.49 -25.17 17.66
N VAL A 79 5.27 -24.78 18.08
CA VAL A 79 4.15 -25.71 18.14
C VAL A 79 3.84 -26.29 16.75
N GLY A 80 3.91 -25.44 15.72
CA GLY A 80 3.65 -25.84 14.33
C GLY A 80 4.76 -26.63 13.67
N ASN A 81 5.80 -27.01 14.46
CA ASN A 81 6.95 -27.81 14.10
C ASN A 81 7.83 -27.19 12.99
N GLN A 82 8.06 -25.88 13.02
CA GLN A 82 8.86 -25.19 12.01
C GLN A 82 10.24 -24.78 12.53
N ILE A 83 10.34 -24.53 13.85
CA ILE A 83 11.62 -24.17 14.47
C ILE A 83 12.01 -25.10 15.64
N SER A 84 13.29 -25.11 16.01
CA SER A 84 13.80 -25.93 17.13
C SER A 84 13.43 -25.30 18.48
N LEU A 85 13.57 -26.05 19.58
CA LEU A 85 13.28 -25.52 20.93
C LEU A 85 14.28 -24.45 21.35
N LEU A 86 15.55 -24.63 21.02
CA LEU A 86 16.58 -23.65 21.36
C LEU A 86 16.52 -22.41 20.48
N ARG A 87 16.03 -22.55 19.21
CA ARG A 87 15.85 -21.37 18.35
C ARG A 87 14.72 -20.54 18.96
N ALA A 88 13.61 -21.21 19.39
CA ALA A 88 12.50 -20.57 20.07
C ALA A 88 12.98 -19.86 21.34
N PHE A 89 13.77 -20.56 22.17
CA PHE A 89 14.32 -19.98 23.40
C PHE A 89 15.14 -18.71 23.13
N PHE A 90 16.16 -18.80 22.27
CA PHE A 90 17.03 -17.66 22.00
C PHE A 90 16.30 -16.52 21.26
N TYR A 91 15.30 -16.83 20.41
CA TYR A 91 14.54 -15.77 19.72
C TYR A 91 13.71 -14.98 20.72
N VAL A 92 12.89 -15.67 21.54
CA VAL A 92 12.06 -15.03 22.57
C VAL A 92 12.91 -14.17 23.51
N ALA A 93 14.02 -14.72 24.03
CA ALA A 93 14.92 -13.95 24.89
C ALA A 93 15.42 -12.66 24.23
N ALA A 94 15.88 -12.72 22.97
CA ALA A 94 16.37 -11.55 22.23
C ALA A 94 15.26 -10.51 21.94
N GLN A 95 14.04 -10.99 21.69
CA GLN A 95 12.92 -10.09 21.41
C GLN A 95 12.59 -9.26 22.66
N LEU A 96 12.52 -9.89 23.86
CA LEU A 96 12.25 -9.17 25.12
C LEU A 96 13.37 -8.18 25.45
N VAL A 97 14.63 -8.60 25.35
CA VAL A 97 15.77 -7.72 25.57
C VAL A 97 15.75 -6.52 24.61
N GLY A 98 15.44 -6.79 23.33
CA GLY A 98 15.39 -5.77 22.29
C GLY A 98 14.26 -4.79 22.49
N ALA A 99 13.09 -5.29 22.95
CA ALA A 99 11.92 -4.46 23.22
C ALA A 99 12.20 -3.46 24.34
N ILE A 100 12.90 -3.92 25.42
CA ILE A 100 13.32 -3.10 26.55
C ILE A 100 14.31 -2.06 26.05
N ALA A 101 15.31 -2.48 25.26
CA ALA A 101 16.29 -1.54 24.71
C ALA A 101 15.62 -0.50 23.82
N GLY A 102 14.68 -0.91 22.97
CA GLY A 102 13.96 0.00 22.07
C GLY A 102 13.08 0.99 22.80
N ALA A 103 12.39 0.53 23.85
CA ALA A 103 11.57 1.39 24.69
C ALA A 103 12.47 2.36 25.49
N GLY A 104 13.57 1.84 26.02
CA GLY A 104 14.55 2.61 26.78
C GLY A 104 15.22 3.68 25.93
N ILE A 105 15.51 3.37 24.67
CA ILE A 105 16.11 4.35 23.76
C ILE A 105 15.10 5.48 23.53
N LEU A 106 13.81 5.13 23.30
CA LEU A 106 12.75 6.12 23.13
C LEU A 106 12.64 7.02 24.37
N TYR A 107 12.75 6.46 25.59
CA TYR A 107 12.71 7.20 26.85
C TYR A 107 13.81 8.28 26.87
N GLY A 108 15.01 7.88 26.45
CA GLY A 108 16.17 8.74 26.41
C GLY A 108 16.14 9.85 25.39
N VAL A 109 15.26 9.75 24.36
CA VAL A 109 15.21 10.80 23.33
C VAL A 109 13.90 11.61 23.33
N ALA A 110 12.83 11.08 23.93
CA ALA A 110 11.54 11.78 23.94
C ALA A 110 11.48 12.93 24.91
N PRO A 111 10.94 14.08 24.46
CA PRO A 111 10.79 15.24 25.38
C PRO A 111 9.78 14.95 26.48
N LEU A 112 9.94 15.59 27.65
CA LEU A 112 9.10 15.32 28.81
C LEU A 112 7.60 15.57 28.59
N ASN A 113 7.22 16.51 27.72
CA ASN A 113 5.81 16.75 27.42
C ASN A 113 5.15 15.65 26.53
N ALA A 114 5.96 14.70 25.99
CA ALA A 114 5.45 13.63 25.14
C ALA A 114 5.63 12.23 25.76
N ARG A 115 6.61 12.08 26.67
CA ARG A 115 6.92 10.82 27.34
C ARG A 115 5.69 10.08 27.95
N GLY A 116 4.96 10.73 28.88
CA GLY A 116 3.77 10.18 29.52
C GLY A 116 3.99 8.79 30.08
N ASN A 117 3.15 7.83 29.67
CA ASN A 117 3.26 6.43 30.07
C ASN A 117 4.12 5.58 29.12
N LEU A 118 4.83 6.21 28.17
CA LEU A 118 5.63 5.52 27.15
C LEU A 118 4.76 4.54 26.32
N ALA A 119 3.55 4.96 26.00
CA ALA A 119 2.59 4.22 25.17
C ALA A 119 2.43 2.74 25.53
N VAL A 120 2.35 2.43 26.83
CA VAL A 120 2.10 1.06 27.27
C VAL A 120 0.66 0.67 26.89
N ASN A 121 0.40 -0.62 26.83
CA ASN A 121 -0.95 -1.11 26.59
C ASN A 121 -1.84 -0.76 27.81
N ALA A 122 -3.14 -0.53 27.58
CA ALA A 122 -4.05 -0.16 28.64
C ALA A 122 -5.42 -0.65 28.30
N LEU A 123 -6.00 -1.46 29.18
CA LEU A 123 -7.33 -2.00 29.01
C LEU A 123 -8.36 -0.88 29.01
N ASN A 124 -9.35 -0.92 28.12
CA ASN A 124 -10.41 0.08 28.12
C ASN A 124 -11.27 -0.22 29.37
N ASN A 125 -11.59 0.82 30.16
CA ASN A 125 -12.34 0.66 31.40
C ASN A 125 -13.69 -0.03 31.24
N ASN A 126 -14.33 0.10 30.07
CA ASN A 126 -15.60 -0.55 29.82
C ASN A 126 -15.47 -1.97 29.24
N THR A 127 -14.24 -2.48 29.11
CA THR A 127 -14.02 -3.83 28.61
C THR A 127 -13.43 -4.67 29.74
N THR A 128 -13.94 -5.88 29.90
CA THR A 128 -13.41 -6.78 30.93
C THR A 128 -12.15 -7.48 30.41
N GLN A 129 -11.31 -7.98 31.34
CA GLN A 129 -10.11 -8.72 30.99
C GLN A 129 -10.41 -9.92 30.10
N GLY A 130 -11.58 -10.55 30.28
CA GLY A 130 -12.02 -11.65 29.45
C GLY A 130 -12.35 -11.19 28.04
N GLN A 131 -13.06 -10.07 27.90
CA GLN A 131 -13.41 -9.51 26.61
C GLN A 131 -12.15 -9.12 25.83
N ALA A 132 -11.26 -8.36 26.45
CA ALA A 132 -10.01 -7.95 25.81
C ALA A 132 -9.09 -9.14 25.45
N MET A 133 -9.19 -10.25 26.19
CA MET A 133 -8.40 -11.44 25.91
C MET A 133 -8.91 -12.11 24.62
N VAL A 134 -10.24 -12.13 24.41
CA VAL A 134 -10.80 -12.69 23.19
C VAL A 134 -10.43 -11.81 21.97
N VAL A 135 -10.32 -10.50 22.16
CA VAL A 135 -9.91 -9.59 21.10
C VAL A 135 -8.44 -9.82 20.69
N GLU A 136 -7.51 -9.80 21.66
CA GLU A 136 -6.09 -10.06 21.44
C GLU A 136 -5.84 -11.42 20.74
N LEU A 137 -6.70 -12.42 21.05
CA LEU A 137 -6.67 -13.75 20.45
C LEU A 137 -6.91 -13.60 18.95
N ILE A 138 -8.03 -12.95 18.55
CA ILE A 138 -8.46 -12.77 17.17
C ILE A 138 -7.46 -11.92 16.37
N LEU A 139 -6.98 -10.81 16.98
CA LEU A 139 -6.03 -9.91 16.34
C LEU A 139 -4.77 -10.68 15.92
N THR A 140 -4.22 -11.49 16.82
CA THR A 140 -2.98 -12.21 16.60
C THR A 140 -3.21 -13.43 15.73
N PHE A 141 -4.36 -14.11 15.88
CA PHE A 141 -4.70 -15.25 15.06
C PHE A 141 -4.62 -14.91 13.53
N GLN A 142 -5.22 -13.80 13.10
CA GLN A 142 -5.24 -13.42 11.69
C GLN A 142 -3.83 -13.04 11.19
N LEU A 143 -3.01 -12.46 12.05
CA LEU A 143 -1.66 -12.04 11.71
C LEU A 143 -0.82 -13.30 11.52
N ALA A 144 -0.92 -14.28 12.42
CA ALA A 144 -0.14 -15.51 12.28
C ALA A 144 -0.51 -16.26 11.01
N LEU A 145 -1.82 -16.44 10.71
CA LEU A 145 -2.24 -17.08 9.46
C LEU A 145 -1.67 -16.39 8.25
N CYS A 146 -1.56 -15.08 8.29
CA CYS A 146 -1.05 -14.29 7.17
C CYS A 146 0.40 -14.62 6.95
N ILE A 147 1.18 -14.69 8.04
CA ILE A 147 2.61 -15.03 8.05
C ILE A 147 2.86 -16.44 7.54
N PHE A 148 2.09 -17.43 8.04
CA PHE A 148 2.30 -18.82 7.65
C PHE A 148 1.92 -19.03 6.19
N ALA A 149 0.84 -18.38 5.72
CA ALA A 149 0.46 -18.52 4.32
C ALA A 149 1.39 -17.76 3.37
N SER A 150 2.08 -16.70 3.86
CA SER A 150 2.98 -15.84 3.05
C SER A 150 4.46 -16.30 3.00
N THR A 151 4.87 -17.14 3.93
CA THR A 151 6.23 -17.68 4.04
C THR A 151 6.31 -19.17 3.76
N ASP A 152 5.21 -19.83 3.42
CA ASP A 152 5.19 -21.23 3.09
C ASP A 152 5.87 -21.43 1.76
N SER A 153 7.01 -22.13 1.75
CA SER A 153 7.74 -22.40 0.51
C SER A 153 6.96 -23.28 -0.48
N ARG A 154 5.80 -23.84 -0.05
CA ARG A 154 4.97 -24.70 -0.90
C ARG A 154 3.87 -23.95 -1.67
N ARG A 155 3.78 -22.62 -1.50
CA ARG A 155 2.72 -21.84 -2.13
C ARG A 155 2.92 -21.65 -3.61
N THR A 156 1.97 -22.13 -4.43
CA THR A 156 2.01 -21.97 -5.88
C THR A 156 1.29 -20.68 -6.35
N SER A 157 0.42 -20.09 -5.51
CA SER A 157 -0.29 -18.86 -5.86
C SER A 157 0.58 -17.60 -5.63
N PRO A 158 0.45 -16.57 -6.52
CA PRO A 158 1.26 -15.34 -6.36
C PRO A 158 1.28 -14.77 -4.95
N VAL A 159 2.41 -14.82 -4.28
CA VAL A 159 2.53 -14.31 -2.91
C VAL A 159 2.54 -12.74 -2.84
N GLY A 160 2.91 -12.09 -3.93
CA GLY A 160 3.02 -10.64 -3.99
C GLY A 160 4.16 -10.17 -3.12
N SER A 161 3.85 -9.36 -2.12
CA SER A 161 4.85 -8.86 -1.18
C SER A 161 4.54 -9.45 0.17
N PRO A 162 5.28 -10.50 0.57
CA PRO A 162 5.02 -11.10 1.89
C PRO A 162 5.19 -10.09 3.03
N ALA A 163 6.25 -9.27 2.99
CA ALA A 163 6.53 -8.26 3.99
C ALA A 163 5.39 -7.24 4.13
N LEU A 164 4.88 -6.69 3.00
CA LEU A 164 3.83 -5.68 3.04
C LEU A 164 2.49 -6.26 3.47
N SER A 165 2.24 -7.53 3.08
CA SER A 165 1.02 -8.21 3.45
C SER A 165 1.01 -8.37 4.97
N ILE A 166 2.15 -8.85 5.54
CA ILE A 166 2.29 -9.01 6.98
C ILE A 166 2.19 -7.70 7.70
N GLY A 167 2.94 -6.70 7.25
CA GLY A 167 2.89 -5.37 7.85
C GLY A 167 1.50 -4.74 7.87
N LEU A 168 0.74 -4.83 6.76
CA LEU A 168 -0.61 -4.26 6.71
C LEU A 168 -1.63 -5.03 7.57
N SER A 169 -1.32 -6.30 7.92
CA SER A 169 -2.10 -7.11 8.84
C SER A 169 -1.91 -6.58 10.28
N VAL A 170 -0.74 -6.01 10.59
CA VAL A 170 -0.46 -5.38 11.88
C VAL A 170 -1.26 -4.08 11.94
N THR A 171 -1.27 -3.28 10.85
CA THR A 171 -2.06 -2.03 10.79
C THR A 171 -3.54 -2.36 11.01
N LEU A 172 -4.03 -3.41 10.36
CA LEU A 172 -5.40 -3.90 10.43
C LEU A 172 -5.75 -4.23 11.89
N GLY A 173 -4.90 -4.99 12.57
CA GLY A 173 -5.15 -5.34 13.96
C GLY A 173 -5.23 -4.14 14.87
N HIS A 174 -4.40 -3.14 14.60
CA HIS A 174 -4.40 -1.88 15.31
C HIS A 174 -5.67 -1.06 15.06
N LEU A 175 -6.28 -1.15 13.87
CA LEU A 175 -7.51 -0.39 13.54
C LEU A 175 -8.74 -0.83 14.40
N VAL A 176 -8.63 -1.96 15.10
CA VAL A 176 -9.70 -2.45 15.96
C VAL A 176 -9.23 -2.49 17.42
N GLY A 177 -8.09 -3.14 17.65
CA GLY A 177 -7.53 -3.34 18.99
C GLY A 177 -7.17 -2.12 19.81
N ILE A 178 -6.79 -0.99 19.16
CA ILE A 178 -6.43 0.24 19.89
C ILE A 178 -7.56 0.68 20.86
N TYR A 179 -8.80 0.44 20.47
CA TYR A 179 -9.96 0.76 21.29
C TYR A 179 -10.09 -0.15 22.51
N PHE A 180 -9.70 -1.42 22.37
CA PHE A 180 -9.82 -2.38 23.47
C PHE A 180 -8.62 -2.35 24.44
N THR A 181 -7.40 -2.47 23.92
CA THR A 181 -6.20 -2.57 24.75
C THR A 181 -5.04 -1.68 24.31
N GLY A 182 -5.26 -0.79 23.36
CA GLY A 182 -4.17 -0.05 22.74
C GLY A 182 -3.42 -0.91 21.72
N CYS A 183 -3.92 -2.13 21.48
CA CYS A 183 -3.44 -3.16 20.57
C CYS A 183 -2.09 -3.66 20.95
N SER A 184 -2.03 -4.90 21.41
CA SER A 184 -0.77 -5.52 21.77
C SER A 184 -0.30 -6.44 20.63
N MET A 185 -1.00 -7.58 20.38
CA MET A 185 -0.64 -8.60 19.40
C MET A 185 0.77 -9.17 19.59
N ASN A 186 1.53 -8.69 20.60
CA ASN A 186 2.93 -9.01 20.80
C ASN A 186 3.31 -8.85 22.26
N PRO A 187 3.66 -9.95 22.96
CA PRO A 187 4.06 -9.85 24.36
C PRO A 187 5.29 -8.96 24.60
N ALA A 188 6.27 -8.91 23.66
CA ALA A 188 7.48 -8.09 23.82
C ALA A 188 7.16 -6.62 23.70
N ARG A 189 6.23 -6.26 22.78
CA ARG A 189 5.75 -4.88 22.59
C ARG A 189 5.18 -4.36 23.90
N SER A 190 4.44 -5.19 24.63
CA SER A 190 3.85 -4.82 25.91
C SER A 190 4.88 -4.81 27.04
N PHE A 191 5.77 -5.82 27.07
CA PHE A 191 6.82 -6.01 28.07
C PHE A 191 7.82 -4.86 28.07
N GLY A 192 8.31 -4.48 26.91
CA GLY A 192 9.27 -3.40 26.74
C GLY A 192 9.01 -2.12 27.52
N PRO A 193 7.91 -1.40 27.24
CA PRO A 193 7.64 -0.16 28.00
C PRO A 193 7.14 -0.41 29.41
N ALA A 194 6.69 -1.63 29.74
CA ALA A 194 6.24 -1.94 31.10
C ALA A 194 7.49 -2.06 31.98
N VAL A 195 8.54 -2.75 31.51
CA VAL A 195 9.78 -2.90 32.26
C VAL A 195 10.45 -1.55 32.44
N VAL A 196 10.52 -0.76 31.37
CA VAL A 196 11.17 0.54 31.40
C VAL A 196 10.45 1.53 32.34
N MET A 197 9.12 1.54 32.36
CA MET A 197 8.38 2.44 33.25
C MET A 197 8.03 1.78 34.60
N ASN A 198 8.52 0.55 34.89
CA ASN A 198 8.21 -0.26 36.09
C ASN A 198 6.71 -0.18 36.43
N ARG A 199 5.87 -0.28 35.41
CA ARG A 199 4.43 -0.14 35.51
C ARG A 199 3.77 -1.33 34.82
N PHE A 200 3.22 -2.24 35.60
CA PHE A 200 2.56 -3.43 35.06
C PHE A 200 1.12 -3.46 35.57
N SER A 201 0.16 -3.11 34.70
CA SER A 201 -1.24 -3.11 35.07
C SER A 201 -1.73 -4.53 35.47
N PRO A 202 -2.88 -4.68 36.16
CA PRO A 202 -3.34 -6.03 36.54
C PRO A 202 -3.71 -6.91 35.34
N ALA A 203 -3.95 -6.30 34.16
CA ALA A 203 -4.28 -7.06 32.97
C ALA A 203 -3.07 -7.30 32.07
N HIS A 204 -1.82 -7.21 32.59
CA HIS A 204 -0.64 -7.49 31.76
C HIS A 204 -0.63 -8.92 31.21
N TRP A 205 -1.26 -9.88 31.92
CA TRP A 205 -1.31 -11.27 31.49
C TRP A 205 -2.04 -11.45 30.18
N VAL A 206 -3.03 -10.60 29.89
CA VAL A 206 -3.86 -10.61 28.68
C VAL A 206 -2.99 -10.38 27.44
N PHE A 207 -2.01 -9.49 27.56
CA PHE A 207 -1.06 -9.16 26.52
C PHE A 207 0.01 -10.25 26.29
N TRP A 208 -0.07 -11.40 27.01
CA TRP A 208 0.78 -12.58 26.85
C TRP A 208 -0.13 -13.75 26.38
N VAL A 209 -1.12 -14.15 27.21
CA VAL A 209 -2.04 -15.24 26.91
C VAL A 209 -2.75 -15.04 25.58
N GLY A 210 -3.33 -13.86 25.38
CA GLY A 210 -4.03 -13.50 24.16
C GLY A 210 -3.24 -13.76 22.89
N PRO A 211 -2.17 -12.97 22.67
CA PRO A 211 -1.34 -13.18 21.48
C PRO A 211 -0.82 -14.61 21.34
N ILE A 212 -0.26 -15.20 22.43
CA ILE A 212 0.28 -16.57 22.38
C ILE A 212 -0.79 -17.62 21.95
N VAL A 213 -1.92 -17.74 22.65
CA VAL A 213 -3.02 -18.66 22.31
C VAL A 213 -3.54 -18.41 20.90
N GLY A 214 -3.78 -17.14 20.57
CA GLY A 214 -4.26 -16.75 19.25
C GLY A 214 -3.37 -17.21 18.13
N ALA A 215 -2.05 -16.97 18.24
CA ALA A 215 -1.08 -17.41 17.23
C ALA A 215 -0.88 -18.93 17.24
N VAL A 216 -0.96 -19.57 18.42
CA VAL A 216 -0.81 -21.02 18.53
C VAL A 216 -2.00 -21.72 17.84
N LEU A 217 -3.24 -21.19 17.97
CA LEU A 217 -4.40 -21.77 17.28
C LEU A 217 -4.27 -21.63 15.76
N ALA A 218 -3.74 -20.50 15.30
CA ALA A 218 -3.49 -20.29 13.87
C ALA A 218 -2.44 -21.30 13.35
N ALA A 219 -1.37 -21.56 14.17
CA ALA A 219 -0.34 -22.53 13.83
C ALA A 219 -0.84 -23.97 13.85
N ILE A 220 -1.77 -24.30 14.76
CA ILE A 220 -2.36 -25.64 14.79
C ILE A 220 -3.20 -25.84 13.54
N LEU A 221 -4.07 -24.86 13.24
CA LEU A 221 -4.95 -24.91 12.08
C LEU A 221 -4.20 -24.98 10.74
N TYR A 222 -3.16 -24.17 10.59
CA TYR A 222 -2.42 -24.11 9.34
C TYR A 222 -1.55 -25.33 9.07
N PHE A 223 -0.64 -25.66 10.01
CA PHE A 223 0.31 -26.74 9.78
C PHE A 223 -0.21 -28.17 10.03
N TYR A 224 -1.30 -28.33 10.79
CA TYR A 224 -1.79 -29.67 11.07
C TYR A 224 -3.13 -29.99 10.43
N LEU A 225 -3.99 -28.99 10.21
CA LEU A 225 -5.30 -29.26 9.63
C LEU A 225 -5.42 -28.87 8.17
N LEU A 226 -4.98 -27.65 7.82
CA LEU A 226 -5.15 -27.18 6.46
C LEU A 226 -4.09 -27.71 5.52
N PHE A 227 -2.80 -27.47 5.83
CA PHE A 227 -1.69 -27.88 4.98
C PHE A 227 -0.63 -28.67 5.75
N PRO A 228 -0.93 -29.94 6.09
CA PRO A 228 0.07 -30.74 6.82
C PRO A 228 1.20 -31.25 5.92
N ASN A 229 2.41 -31.42 6.47
CA ASN A 229 3.51 -31.97 5.68
C ASN A 229 3.58 -33.49 5.88
N SER A 230 4.12 -34.24 4.90
CA SER A 230 4.22 -35.70 5.01
C SER A 230 5.52 -36.12 5.71
N LEU A 231 5.71 -35.69 6.97
CA LEU A 231 6.92 -36.02 7.71
C LEU A 231 6.68 -37.13 8.73
N SER A 232 7.76 -37.81 9.15
CA SER A 232 7.65 -38.87 10.14
C SER A 232 7.92 -38.31 11.52
N LEU A 233 7.35 -38.94 12.58
CA LEU A 233 7.53 -38.54 13.99
C LEU A 233 9.01 -38.34 14.35
N SER A 234 9.88 -39.24 13.86
CA SER A 234 11.31 -39.16 14.10
C SER A 234 11.93 -37.88 13.49
N GLU A 235 11.55 -37.52 12.25
CA GLU A 235 11.98 -36.28 11.59
C GLU A 235 11.41 -35.05 12.32
N ARG A 236 10.21 -35.20 12.89
CA ARG A 236 9.56 -34.16 13.66
C ARG A 236 10.34 -33.85 14.93
N VAL A 237 10.88 -34.89 15.63
CA VAL A 237 11.68 -34.62 16.83
C VAL A 237 13.08 -34.06 16.44
N ALA A 238 13.60 -34.41 15.25
CA ALA A 238 14.85 -33.84 14.77
C ALA A 238 14.69 -32.33 14.57
N ILE A 239 13.47 -31.85 14.20
CA ILE A 239 13.19 -30.42 14.05
C ILE A 239 13.22 -29.77 15.44
N ILE A 240 12.55 -30.40 16.43
CA ILE A 240 12.55 -29.90 17.82
C ILE A 240 13.99 -29.81 18.36
N LYS A 241 14.83 -30.78 18.00
CA LYS A 241 16.21 -30.82 18.47
C LYS A 241 17.22 -30.09 17.59
N GLY A 242 16.78 -29.43 16.51
CA GLY A 242 17.63 -28.65 15.62
C GLY A 242 18.64 -29.43 14.79
N THR A 243 18.36 -30.73 14.55
CA THR A 243 19.27 -31.59 13.78
C THR A 243 18.78 -31.92 12.37
N TYR A 244 17.49 -31.72 12.09
CA TYR A 244 16.90 -31.99 10.77
C TYR A 244 17.55 -31.09 9.71
N GLU A 245 17.79 -31.63 8.50
CA GLU A 245 18.39 -30.96 7.33
C GLU A 245 19.01 -29.55 7.57
N SER B 2 -4.79 2.18 -40.21
CA SER B 2 -4.88 0.78 -40.60
C SER B 2 -6.26 0.23 -40.38
N LYS B 3 -6.95 -0.12 -41.47
CA LYS B 3 -8.27 -0.75 -41.38
C LYS B 3 -8.20 -2.15 -40.73
N LYS B 4 -7.02 -2.78 -40.74
CA LYS B 4 -6.78 -4.09 -40.14
C LYS B 4 -6.73 -3.97 -38.62
N GLU B 5 -6.14 -2.89 -38.10
CA GLU B 5 -6.04 -2.65 -36.66
C GLU B 5 -7.39 -2.22 -36.09
N VAL B 6 -8.09 -1.28 -36.76
CA VAL B 6 -9.38 -0.77 -36.31
C VAL B 6 -10.52 -1.79 -36.41
N CYS B 7 -10.66 -2.47 -37.55
CA CYS B 7 -11.75 -3.43 -37.77
C CYS B 7 -11.48 -4.78 -37.16
N SER B 8 -10.84 -4.79 -35.99
CA SER B 8 -10.50 -5.98 -35.24
C SER B 8 -11.37 -6.03 -33.99
N VAL B 9 -11.82 -7.22 -33.59
CA VAL B 9 -12.61 -7.41 -32.38
C VAL B 9 -11.80 -6.95 -31.13
N ALA B 10 -10.49 -7.21 -31.15
CA ALA B 10 -9.59 -6.83 -30.07
C ALA B 10 -9.46 -5.30 -29.93
N PHE B 11 -9.55 -4.56 -31.04
CA PHE B 11 -9.47 -3.09 -30.98
C PHE B 11 -10.76 -2.50 -30.43
N LEU B 12 -11.90 -3.09 -30.79
CA LEU B 12 -13.21 -2.69 -30.27
C LEU B 12 -13.26 -2.95 -28.75
N LYS B 13 -12.67 -4.06 -28.28
CA LYS B 13 -12.63 -4.35 -26.83
C LYS B 13 -11.78 -3.31 -26.11
N ALA B 14 -10.65 -2.93 -26.70
CA ALA B 14 -9.74 -1.93 -26.14
C ALA B 14 -10.41 -0.56 -26.03
N VAL B 15 -11.17 -0.14 -27.07
CA VAL B 15 -11.87 1.14 -27.08
C VAL B 15 -12.98 1.13 -26.03
N PHE B 16 -13.71 0.00 -25.89
CA PHE B 16 -14.76 -0.09 -24.91
C PHE B 16 -14.15 -0.08 -23.52
N ALA B 17 -13.03 -0.77 -23.30
CA ALA B 17 -12.38 -0.82 -21.98
C ALA B 17 -11.92 0.57 -21.55
N GLU B 18 -11.33 1.36 -22.46
CA GLU B 18 -10.93 2.75 -22.15
C GLU B 18 -12.16 3.60 -21.82
N PHE B 19 -13.28 3.38 -22.51
CA PHE B 19 -14.52 4.09 -22.20
C PHE B 19 -14.99 3.71 -20.78
N LEU B 20 -15.08 2.40 -20.50
CA LEU B 20 -15.57 1.87 -19.24
C LEU B 20 -14.72 2.30 -18.05
N ALA B 21 -13.39 2.23 -18.17
CA ALA B 21 -12.48 2.57 -17.09
C ALA B 21 -12.49 4.06 -16.83
N THR B 22 -12.64 4.92 -17.87
CA THR B 22 -12.71 6.37 -17.59
C THR B 22 -14.04 6.73 -16.89
N LEU B 23 -15.14 6.04 -17.31
CA LEU B 23 -16.48 6.13 -16.74
C LEU B 23 -16.39 5.81 -15.25
N ILE B 24 -15.82 4.64 -14.87
CA ILE B 24 -15.68 4.21 -13.49
C ILE B 24 -14.73 5.09 -12.71
N PHE B 25 -13.60 5.48 -13.33
CA PHE B 25 -12.62 6.38 -12.69
C PHE B 25 -13.26 7.69 -12.23
N VAL B 26 -13.89 8.47 -13.14
CA VAL B 26 -14.42 9.77 -12.74
C VAL B 26 -15.61 9.60 -11.79
N PHE B 27 -16.40 8.51 -11.92
CA PHE B 27 -17.47 8.22 -10.96
C PHE B 27 -16.94 8.20 -9.51
N PHE B 28 -15.87 7.40 -9.26
CA PHE B 28 -15.30 7.24 -7.92
C PHE B 28 -14.56 8.46 -7.52
N GLY B 29 -13.76 9.00 -8.43
CA GLY B 29 -12.99 10.21 -8.13
C GLY B 29 -13.86 11.38 -7.70
N LEU B 30 -14.80 11.82 -8.56
CA LEU B 30 -15.70 12.92 -8.20
C LEU B 30 -16.57 12.54 -7.01
N GLY B 31 -17.03 11.27 -6.95
CA GLY B 31 -17.88 10.77 -5.88
C GLY B 31 -17.25 10.89 -4.51
N SER B 32 -15.93 10.73 -4.45
CA SER B 32 -15.17 10.79 -3.21
C SER B 32 -14.92 12.21 -2.72
N ALA B 33 -14.95 13.20 -3.64
CA ALA B 33 -14.65 14.61 -3.33
C ALA B 33 -15.85 15.53 -3.24
N LEU B 34 -17.08 14.97 -3.36
CA LEU B 34 -18.32 15.72 -3.20
C LEU B 34 -18.39 16.22 -1.75
N LYS B 35 -18.94 17.42 -1.56
CA LYS B 35 -19.00 18.04 -0.24
C LYS B 35 -20.11 17.45 0.60
N TRP B 36 -19.94 16.17 0.99
CA TRP B 36 -20.89 15.45 1.80
C TRP B 36 -21.11 16.15 3.13
N PRO B 37 -22.36 16.57 3.42
CA PRO B 37 -22.65 17.28 4.69
C PRO B 37 -22.27 16.54 5.98
N SER B 38 -22.66 15.29 6.15
CA SER B 38 -22.35 14.52 7.36
C SER B 38 -20.84 14.37 7.68
N ALA B 39 -19.96 14.49 6.65
CA ALA B 39 -18.51 14.38 6.82
C ALA B 39 -17.86 14.94 5.58
N LEU B 40 -17.15 16.07 5.68
CA LEU B 40 -16.50 16.65 4.51
C LEU B 40 -15.23 15.83 4.22
N PRO B 41 -15.13 15.30 2.99
CA PRO B 41 -13.97 14.48 2.65
C PRO B 41 -12.62 15.13 2.94
N HIS B 42 -11.74 14.37 3.59
CA HIS B 42 -10.39 14.83 3.87
C HIS B 42 -9.57 14.79 2.60
N ILE B 43 -8.49 15.56 2.53
CA ILE B 43 -7.57 15.55 1.38
C ILE B 43 -6.95 14.16 1.16
N LEU B 44 -6.57 13.47 2.25
CA LEU B 44 -5.97 12.14 2.17
C LEU B 44 -6.98 11.12 1.58
N GLN B 45 -8.24 11.28 1.96
CA GLN B 45 -9.39 10.49 1.56
C GLN B 45 -9.56 10.54 0.03
N ILE B 46 -9.57 11.77 -0.54
CA ILE B 46 -9.74 12.05 -1.96
C ILE B 46 -8.56 11.57 -2.76
N ALA B 47 -7.33 11.93 -2.31
CA ALA B 47 -6.09 11.51 -2.97
C ALA B 47 -6.05 9.95 -3.08
N LEU B 48 -6.45 9.26 -2.00
CA LEU B 48 -6.47 7.81 -1.96
C LEU B 48 -7.54 7.24 -2.88
N ALA B 49 -8.67 7.91 -3.02
CA ALA B 49 -9.74 7.44 -3.91
C ALA B 49 -9.35 7.59 -5.38
N PHE B 50 -8.79 8.73 -5.79
CA PHE B 50 -8.33 8.91 -7.19
C PHE B 50 -7.22 7.87 -7.52
N GLY B 51 -6.28 7.72 -6.60
CA GLY B 51 -5.18 6.77 -6.76
C GLY B 51 -5.57 5.31 -6.80
N LEU B 52 -6.46 4.85 -5.89
CA LEU B 52 -6.88 3.44 -5.91
C LEU B 52 -7.84 3.12 -7.03
N ALA B 53 -8.55 4.11 -7.59
CA ALA B 53 -9.46 3.87 -8.70
C ALA B 53 -8.61 3.53 -9.92
N ILE B 54 -7.55 4.31 -10.19
CA ILE B 54 -6.60 4.04 -11.26
C ILE B 54 -5.87 2.74 -10.96
N GLY B 55 -5.46 2.52 -9.71
CA GLY B 55 -4.77 1.30 -9.33
C GLY B 55 -5.58 0.05 -9.60
N THR B 56 -6.90 0.14 -9.44
CA THR B 56 -7.77 -1.00 -9.66
C THR B 56 -8.03 -1.18 -11.15
N LEU B 57 -8.30 -0.09 -11.86
CA LEU B 57 -8.62 -0.15 -13.28
C LEU B 57 -7.43 -0.54 -14.09
N ALA B 58 -6.23 -0.12 -13.72
CA ALA B 58 -5.01 -0.59 -14.38
C ALA B 58 -4.89 -2.15 -14.19
N GLN B 59 -5.16 -2.65 -12.99
CA GLN B 59 -5.09 -4.11 -12.76
C GLN B 59 -6.17 -4.89 -13.57
N ALA B 60 -7.39 -4.40 -13.58
CA ALA B 60 -8.49 -5.05 -14.26
C ALA B 60 -8.49 -4.89 -15.80
N LEU B 61 -8.51 -3.66 -16.33
CA LEU B 61 -8.63 -3.41 -17.77
C LEU B 61 -7.32 -3.05 -18.48
N GLY B 62 -6.21 -3.05 -17.77
CA GLY B 62 -4.89 -2.89 -18.36
C GLY B 62 -4.62 -3.96 -19.41
N PRO B 63 -4.88 -5.27 -19.14
CA PRO B 63 -4.65 -6.30 -20.17
C PRO B 63 -5.43 -6.13 -21.47
N VAL B 64 -6.61 -5.51 -21.41
CA VAL B 64 -7.45 -5.31 -22.59
C VAL B 64 -6.95 -4.21 -23.52
N SER B 65 -6.60 -3.02 -22.98
CA SER B 65 -6.27 -1.85 -23.80
C SER B 65 -4.98 -1.10 -23.49
N GLY B 66 -4.31 -1.48 -22.43
CA GLY B 66 -3.11 -0.77 -21.97
C GLY B 66 -3.33 0.07 -20.73
N GLY B 67 -4.59 0.21 -20.29
CA GLY B 67 -4.99 0.97 -19.12
C GLY B 67 -4.64 2.45 -19.15
N HIS B 68 -4.76 3.11 -20.31
CA HIS B 68 -4.43 4.55 -20.43
C HIS B 68 -5.30 5.44 -19.55
N ILE B 69 -6.65 5.39 -19.72
CA ILE B 69 -7.67 6.11 -18.93
C ILE B 69 -7.41 7.66 -18.82
N ASN B 70 -6.57 8.22 -19.70
CA ASN B 70 -6.14 9.61 -19.59
C ASN B 70 -5.65 10.15 -20.93
N PRO B 71 -6.36 11.14 -21.53
CA PRO B 71 -5.94 11.67 -22.84
C PRO B 71 -4.47 12.12 -22.91
N ALA B 72 -3.93 12.66 -21.81
CA ALA B 72 -2.55 13.09 -21.76
C ALA B 72 -1.58 11.90 -21.89
N ILE B 73 -1.89 10.75 -21.25
CA ILE B 73 -1.00 9.59 -21.35
C ILE B 73 -1.03 8.98 -22.76
N THR B 74 -2.22 8.90 -23.37
CA THR B 74 -2.37 8.38 -24.72
C THR B 74 -1.61 9.27 -25.72
N LEU B 75 -1.69 10.60 -25.57
CA LEU B 75 -0.97 11.51 -26.48
C LEU B 75 0.55 11.37 -26.30
N ALA B 76 1.02 11.18 -25.06
CA ALA B 76 2.44 10.95 -24.77
C ALA B 76 2.91 9.62 -25.37
N LEU B 77 2.05 8.58 -25.33
CA LEU B 77 2.42 7.29 -25.92
C LEU B 77 2.51 7.39 -27.45
N LEU B 78 1.64 8.21 -28.07
CA LEU B 78 1.66 8.41 -29.53
C LEU B 78 2.97 9.15 -29.90
N VAL B 79 3.29 10.23 -29.17
CA VAL B 79 4.49 11.02 -29.43
C VAL B 79 5.78 10.26 -29.05
N GLY B 80 5.69 9.27 -28.16
CA GLY B 80 6.78 8.40 -27.78
C GLY B 80 6.92 7.16 -28.66
N ASN B 81 6.13 7.09 -29.76
CA ASN B 81 6.15 6.04 -30.77
C ASN B 81 5.80 4.66 -30.24
N GLN B 82 4.87 4.61 -29.29
CA GLN B 82 4.42 3.35 -28.71
C GLN B 82 3.09 2.92 -29.26
N ILE B 83 2.24 3.87 -29.70
CA ILE B 83 0.90 3.56 -30.24
C ILE B 83 0.63 4.22 -31.60
N SER B 84 -0.38 3.72 -32.33
CA SER B 84 -0.76 4.28 -33.64
C SER B 84 -1.59 5.58 -33.54
N LEU B 85 -1.68 6.34 -34.63
CA LEU B 85 -2.47 7.57 -34.66
C LEU B 85 -3.95 7.24 -34.48
N LEU B 86 -4.44 6.16 -35.10
CA LEU B 86 -5.86 5.79 -34.98
C LEU B 86 -6.20 5.27 -33.59
N ARG B 87 -5.29 4.50 -32.96
CA ARG B 87 -5.47 4.05 -31.57
C ARG B 87 -5.56 5.29 -30.65
N ALA B 88 -4.61 6.23 -30.80
CA ALA B 88 -4.64 7.48 -30.04
C ALA B 88 -5.95 8.24 -30.23
N PHE B 89 -6.44 8.33 -31.48
CA PHE B 89 -7.69 9.03 -31.78
C PHE B 89 -8.90 8.39 -31.10
N PHE B 90 -9.13 7.07 -31.29
CA PHE B 90 -10.27 6.38 -30.68
C PHE B 90 -10.17 6.37 -29.16
N TYR B 91 -8.95 6.23 -28.64
CA TYR B 91 -8.73 6.24 -27.19
C TYR B 91 -9.16 7.54 -26.54
N VAL B 92 -8.67 8.71 -27.01
CA VAL B 92 -9.06 10.02 -26.45
C VAL B 92 -10.58 10.21 -26.50
N ALA B 93 -11.18 9.87 -27.62
CA ALA B 93 -12.62 9.95 -27.80
C ALA B 93 -13.39 9.14 -26.75
N ALA B 94 -13.02 7.85 -26.54
CA ALA B 94 -13.63 6.96 -25.57
C ALA B 94 -13.46 7.47 -24.15
N GLN B 95 -12.28 7.98 -23.84
CA GLN B 95 -11.98 8.55 -22.54
C GLN B 95 -12.82 9.78 -22.27
N LEU B 96 -13.03 10.65 -23.29
CA LEU B 96 -13.84 11.87 -23.10
C LEU B 96 -15.31 11.54 -22.86
N VAL B 97 -15.87 10.69 -23.74
CA VAL B 97 -17.25 10.22 -23.65
C VAL B 97 -17.45 9.48 -22.31
N GLY B 98 -16.48 8.66 -21.95
CA GLY B 98 -16.48 7.90 -20.70
C GLY B 98 -16.56 8.80 -19.50
N ALA B 99 -15.71 9.84 -19.47
CA ALA B 99 -15.69 10.82 -18.39
C ALA B 99 -17.03 11.52 -18.26
N ILE B 100 -17.68 11.84 -19.40
CA ILE B 100 -18.99 12.49 -19.41
C ILE B 100 -20.02 11.53 -18.80
N ALA B 101 -20.03 10.28 -19.29
CA ALA B 101 -20.92 9.22 -18.84
C ALA B 101 -20.76 8.94 -17.36
N GLY B 102 -19.52 8.98 -16.87
CA GLY B 102 -19.19 8.78 -15.47
C GLY B 102 -19.74 9.89 -14.59
N ALA B 103 -19.53 11.15 -15.00
CA ALA B 103 -20.02 12.34 -14.29
C ALA B 103 -21.55 12.38 -14.27
N GLY B 104 -22.19 11.99 -15.38
CA GLY B 104 -23.63 11.94 -15.50
C GLY B 104 -24.29 10.88 -14.63
N ILE B 105 -23.69 9.68 -14.53
CA ILE B 105 -24.19 8.61 -13.65
C ILE B 105 -24.06 9.10 -12.20
N LEU B 106 -22.92 9.71 -11.86
CA LEU B 106 -22.74 10.27 -10.52
C LEU B 106 -23.77 11.33 -10.21
N TYR B 107 -24.12 12.16 -11.21
CA TYR B 107 -25.08 13.23 -11.10
C TYR B 107 -26.46 12.65 -10.77
N GLY B 108 -26.84 11.59 -11.47
CA GLY B 108 -28.13 10.94 -11.29
C GLY B 108 -28.33 10.24 -9.96
N VAL B 109 -27.24 10.00 -9.21
CA VAL B 109 -27.32 9.27 -7.93
C VAL B 109 -26.95 10.12 -6.70
N ALA B 110 -26.10 11.16 -6.85
CA ALA B 110 -25.73 11.98 -5.69
C ALA B 110 -26.93 12.73 -5.15
N PRO B 111 -27.07 12.81 -3.82
CA PRO B 111 -28.18 13.60 -3.25
C PRO B 111 -27.96 15.11 -3.47
N LEU B 112 -29.05 15.89 -3.50
CA LEU B 112 -28.98 17.34 -3.76
C LEU B 112 -27.99 18.09 -2.85
N ASN B 113 -27.95 17.75 -1.55
CA ASN B 113 -27.07 18.41 -0.59
C ASN B 113 -25.58 18.06 -0.74
N ALA B 114 -25.23 17.11 -1.64
CA ALA B 114 -23.84 16.74 -1.83
C ALA B 114 -23.30 17.04 -3.22
N ARG B 115 -24.21 17.16 -4.22
CA ARG B 115 -23.89 17.44 -5.62
C ARG B 115 -22.90 18.62 -5.82
N GLY B 116 -23.23 19.82 -5.33
CA GLY B 116 -22.39 21.00 -5.43
C GLY B 116 -22.01 21.31 -6.86
N ASN B 117 -20.69 21.49 -7.10
CA ASN B 117 -20.14 21.69 -8.45
C ASN B 117 -19.92 20.36 -9.18
N LEU B 118 -20.05 19.19 -8.49
CA LEU B 118 -19.74 17.85 -9.02
C LEU B 118 -18.22 17.68 -9.16
N ALA B 119 -17.46 18.23 -8.20
CA ALA B 119 -16.01 18.15 -8.09
C ALA B 119 -15.24 18.60 -9.34
N VAL B 120 -15.67 19.69 -10.00
CA VAL B 120 -14.93 20.26 -11.11
C VAL B 120 -13.60 20.80 -10.57
N ASN B 121 -12.57 20.85 -11.43
CA ASN B 121 -11.29 21.42 -11.01
C ASN B 121 -11.46 22.93 -10.88
N ALA B 122 -10.64 23.57 -10.04
CA ALA B 122 -10.76 24.99 -9.79
C ALA B 122 -9.45 25.50 -9.29
N LEU B 123 -8.94 26.58 -9.88
CA LEU B 123 -7.69 27.19 -9.45
C LEU B 123 -7.85 27.75 -8.04
N ASN B 124 -6.78 27.76 -7.24
CA ASN B 124 -6.84 28.42 -5.93
C ASN B 124 -6.89 29.95 -6.21
N ASN B 125 -7.67 30.71 -5.43
CA ASN B 125 -7.82 32.15 -5.67
C ASN B 125 -6.50 32.92 -5.56
N ASN B 126 -5.53 32.40 -4.78
CA ASN B 126 -4.24 33.05 -4.61
C ASN B 126 -3.17 32.53 -5.59
N THR B 127 -3.53 31.71 -6.60
CA THR B 127 -2.55 31.20 -7.56
C THR B 127 -2.97 31.56 -8.97
N THR B 128 -2.00 31.93 -9.80
CA THR B 128 -2.25 32.37 -11.18
C THR B 128 -2.38 31.20 -12.17
N GLN B 129 -2.94 31.46 -13.37
CA GLN B 129 -3.09 30.42 -14.40
C GLN B 129 -1.73 29.81 -14.77
N GLY B 130 -0.71 30.64 -14.94
CA GLY B 130 0.62 30.20 -15.30
C GLY B 130 1.24 29.35 -14.22
N GLN B 131 1.01 29.73 -12.95
CA GLN B 131 1.54 28.96 -11.83
C GLN B 131 0.88 27.58 -11.76
N ALA B 132 -0.44 27.50 -12.07
CA ALA B 132 -1.16 26.24 -12.07
C ALA B 132 -0.63 25.30 -13.14
N MET B 133 -0.31 25.85 -14.33
CA MET B 133 0.21 25.10 -15.47
C MET B 133 1.53 24.40 -15.17
N VAL B 134 2.49 25.11 -14.54
CA VAL B 134 3.76 24.50 -14.17
C VAL B 134 3.54 23.36 -13.16
N VAL B 135 2.59 23.54 -12.23
CA VAL B 135 2.23 22.54 -11.22
C VAL B 135 1.65 21.30 -11.93
N GLU B 136 0.67 21.50 -12.83
CA GLU B 136 0.02 20.42 -13.59
C GLU B 136 0.99 19.66 -14.47
N LEU B 137 2.02 20.36 -15.00
CA LEU B 137 3.07 19.76 -15.82
C LEU B 137 3.87 18.80 -14.98
N ILE B 138 4.35 19.22 -13.80
CA ILE B 138 5.13 18.39 -12.88
C ILE B 138 4.32 17.21 -12.38
N LEU B 139 3.08 17.44 -11.88
CA LEU B 139 2.22 16.37 -11.39
C LEU B 139 2.05 15.25 -12.44
N THR B 140 1.80 15.63 -13.70
CA THR B 140 1.58 14.67 -14.77
C THR B 140 2.90 14.10 -15.35
N PHE B 141 4.02 14.83 -15.20
CA PHE B 141 5.33 14.38 -15.66
C PHE B 141 5.75 13.16 -14.85
N GLN B 142 5.62 13.21 -13.49
CA GLN B 142 6.02 12.09 -12.66
C GLN B 142 5.09 10.87 -12.87
N LEU B 143 3.81 11.11 -13.15
CA LEU B 143 2.85 10.05 -13.37
C LEU B 143 3.24 9.36 -14.66
N ALA B 144 3.35 10.09 -15.81
CA ALA B 144 3.80 9.45 -17.05
C ALA B 144 5.16 8.70 -16.89
N LEU B 145 6.19 9.31 -16.26
CA LEU B 145 7.48 8.60 -16.04
C LEU B 145 7.28 7.26 -15.35
N CYS B 146 6.47 7.24 -14.28
CA CYS B 146 6.19 6.03 -13.54
C CYS B 146 5.48 4.98 -14.39
N ILE B 147 4.53 5.40 -15.22
CA ILE B 147 3.82 4.51 -16.16
C ILE B 147 4.80 3.89 -17.17
N PHE B 148 5.62 4.73 -17.84
CA PHE B 148 6.55 4.28 -18.86
C PHE B 148 7.55 3.26 -18.32
N ALA B 149 8.08 3.55 -17.13
CA ALA B 149 9.03 2.70 -16.45
C ALA B 149 8.40 1.37 -16.05
N SER B 150 7.15 1.40 -15.52
CA SER B 150 6.46 0.21 -15.03
C SER B 150 5.89 -0.71 -16.08
N THR B 151 5.66 -0.21 -17.30
CA THR B 151 5.09 -1.02 -18.37
C THR B 151 6.09 -1.39 -19.47
N ASP B 152 7.38 -0.97 -19.35
CA ASP B 152 8.42 -1.28 -20.33
C ASP B 152 8.73 -2.78 -20.31
N SER B 153 8.55 -3.44 -21.45
CA SER B 153 8.84 -4.85 -21.56
C SER B 153 10.34 -5.16 -21.40
N ARG B 154 11.23 -4.17 -21.57
CA ARG B 154 12.67 -4.41 -21.46
C ARG B 154 13.24 -4.31 -20.05
N ARG B 155 12.38 -3.98 -19.05
CA ARG B 155 12.80 -3.77 -17.67
C ARG B 155 13.30 -5.08 -17.04
N THR B 156 14.52 -5.09 -16.51
CA THR B 156 15.05 -6.29 -15.85
C THR B 156 15.00 -6.20 -14.31
N SER B 157 14.67 -5.01 -13.78
CA SER B 157 14.55 -4.74 -12.37
C SER B 157 13.22 -5.27 -11.88
N PRO B 158 13.15 -5.78 -10.63
CA PRO B 158 11.85 -6.21 -10.08
C PRO B 158 10.81 -5.09 -10.16
N VAL B 159 9.78 -5.30 -10.96
CA VAL B 159 8.79 -4.26 -11.21
C VAL B 159 7.77 -4.09 -10.03
N GLY B 160 7.59 -5.14 -9.23
CA GLY B 160 6.64 -5.08 -8.12
C GLY B 160 5.23 -5.13 -8.65
N SER B 161 4.44 -4.09 -8.38
CA SER B 161 3.09 -4.03 -8.90
C SER B 161 2.95 -2.81 -9.77
N PRO B 162 2.86 -2.98 -11.09
CA PRO B 162 2.74 -1.82 -11.96
C PRO B 162 1.47 -1.01 -11.66
N ALA B 163 0.33 -1.71 -11.45
CA ALA B 163 -0.94 -1.05 -11.11
C ALA B 163 -0.89 -0.22 -9.83
N LEU B 164 -0.33 -0.77 -8.73
CA LEU B 164 -0.31 -0.05 -7.45
C LEU B 164 0.68 1.09 -7.41
N SER B 165 1.86 0.97 -8.07
CA SER B 165 2.80 2.07 -8.16
C SER B 165 2.17 3.20 -8.96
N ILE B 166 1.56 2.89 -10.12
CA ILE B 166 0.92 3.86 -10.98
C ILE B 166 -0.21 4.55 -10.23
N GLY B 167 -1.05 3.75 -9.58
CA GLY B 167 -2.15 4.27 -8.76
C GLY B 167 -1.70 5.17 -7.61
N LEU B 168 -0.65 4.77 -6.87
CA LEU B 168 -0.14 5.60 -5.78
C LEU B 168 0.65 6.83 -6.25
N SER B 169 0.97 6.90 -7.54
CA SER B 169 1.58 8.06 -8.16
C SER B 169 0.46 9.10 -8.40
N VAL B 170 -0.78 8.65 -8.68
CA VAL B 170 -1.96 9.50 -8.81
C VAL B 170 -2.31 10.06 -7.40
N THR B 171 -2.20 9.23 -6.33
CA THR B 171 -2.41 9.69 -4.96
C THR B 171 -1.35 10.75 -4.64
N LEU B 172 -0.08 10.51 -4.97
CA LEU B 172 0.99 11.49 -4.76
C LEU B 172 0.66 12.87 -5.40
N GLY B 173 0.29 12.90 -6.69
CA GLY B 173 -0.05 14.16 -7.35
C GLY B 173 -1.23 14.87 -6.74
N HIS B 174 -2.11 14.13 -6.05
CA HIS B 174 -3.26 14.69 -5.35
C HIS B 174 -2.85 15.32 -4.03
N LEU B 175 -1.90 14.73 -3.32
CA LEU B 175 -1.42 15.28 -2.05
C LEU B 175 -0.78 16.71 -2.19
N VAL B 176 -0.43 17.11 -3.41
CA VAL B 176 0.19 18.38 -3.71
C VAL B 176 -0.73 19.26 -4.59
N GLY B 177 -1.28 18.67 -5.64
CA GLY B 177 -2.11 19.37 -6.61
C GLY B 177 -3.51 19.78 -6.23
N ILE B 178 -4.09 19.23 -5.14
CA ILE B 178 -5.45 19.65 -4.70
C ILE B 178 -5.43 21.14 -4.26
N TYR B 179 -4.37 21.51 -3.56
CA TYR B 179 -4.19 22.85 -3.07
C TYR B 179 -4.05 23.87 -4.21
N PHE B 180 -3.53 23.45 -5.39
CA PHE B 180 -3.37 24.34 -6.54
C PHE B 180 -4.58 24.40 -7.51
N THR B 181 -5.10 23.26 -7.95
CA THR B 181 -6.17 23.20 -8.96
C THR B 181 -7.26 22.16 -8.66
N GLY B 182 -7.24 21.56 -7.49
CA GLY B 182 -8.14 20.45 -7.18
C GLY B 182 -7.59 19.12 -7.69
N CYS B 183 -6.43 19.19 -8.41
CA CYS B 183 -5.64 18.16 -9.08
C CYS B 183 -6.35 17.61 -10.26
N SER B 184 -5.77 17.80 -11.45
CA SER B 184 -6.32 17.25 -12.68
C SER B 184 -5.46 16.07 -13.20
N MET B 185 -4.20 16.34 -13.65
CA MET B 185 -3.30 15.33 -14.24
C MET B 185 -3.95 14.52 -15.41
N ASN B 186 -5.18 14.89 -15.81
CA ASN B 186 -6.01 14.15 -16.76
C ASN B 186 -7.05 15.10 -17.33
N PRO B 187 -6.94 15.41 -18.63
CA PRO B 187 -7.92 16.30 -19.25
C PRO B 187 -9.33 15.75 -19.25
N ALA B 188 -9.52 14.41 -19.22
CA ALA B 188 -10.87 13.84 -19.27
C ALA B 188 -11.58 13.99 -17.94
N ARG B 189 -10.82 13.89 -16.83
CA ARG B 189 -11.31 14.10 -15.46
C ARG B 189 -11.84 15.54 -15.32
N SER B 190 -11.20 16.51 -16.00
CA SER B 190 -11.64 17.90 -15.91
C SER B 190 -12.85 18.14 -16.84
N PHE B 191 -12.80 17.63 -18.08
CA PHE B 191 -13.84 17.84 -19.07
C PHE B 191 -15.17 17.21 -18.65
N GLY B 192 -15.11 15.96 -18.16
CA GLY B 192 -16.28 15.21 -17.70
C GLY B 192 -17.29 15.97 -16.88
N PRO B 193 -16.93 16.46 -15.67
CA PRO B 193 -17.91 17.24 -14.88
C PRO B 193 -18.24 18.60 -15.51
N ALA B 194 -17.29 19.21 -16.24
CA ALA B 194 -17.51 20.50 -16.89
C ALA B 194 -18.65 20.40 -17.92
N VAL B 195 -18.69 19.30 -18.68
CA VAL B 195 -19.74 19.11 -19.67
C VAL B 195 -21.08 18.86 -19.00
N VAL B 196 -21.13 17.91 -18.05
CA VAL B 196 -22.36 17.56 -17.34
C VAL B 196 -22.96 18.78 -16.58
N MET B 197 -22.14 19.56 -15.89
CA MET B 197 -22.63 20.71 -15.14
C MET B 197 -22.77 21.99 -15.98
N ASN B 198 -22.29 21.98 -17.25
CA ASN B 198 -22.24 23.17 -18.12
C ASN B 198 -21.46 24.28 -17.40
N ARG B 199 -20.31 23.92 -16.82
CA ARG B 199 -19.51 24.82 -16.02
C ARG B 199 -18.05 24.74 -16.43
N PHE B 200 -17.56 25.71 -17.20
CA PHE B 200 -16.18 25.77 -17.67
C PHE B 200 -15.49 27.02 -17.11
N SER B 201 -14.44 26.86 -16.33
CA SER B 201 -13.70 28.01 -15.78
C SER B 201 -12.82 28.65 -16.86
N PRO B 202 -12.41 29.93 -16.73
CA PRO B 202 -11.48 30.51 -17.73
C PRO B 202 -10.11 29.82 -17.72
N ALA B 203 -9.76 29.15 -16.62
CA ALA B 203 -8.53 28.40 -16.53
C ALA B 203 -8.71 26.93 -16.95
N HIS B 204 -9.77 26.58 -17.72
CA HIS B 204 -10.00 25.20 -18.20
C HIS B 204 -8.89 24.72 -19.13
N TRP B 205 -8.29 25.64 -19.91
CA TRP B 205 -7.19 25.30 -20.82
C TRP B 205 -5.98 24.74 -20.06
N VAL B 206 -5.76 25.21 -18.82
CA VAL B 206 -4.68 24.75 -17.94
C VAL B 206 -4.80 23.23 -17.69
N PHE B 207 -6.05 22.75 -17.58
CA PHE B 207 -6.39 21.35 -17.35
C PHE B 207 -6.18 20.48 -18.60
N TRP B 208 -6.02 21.08 -19.78
CA TRP B 208 -5.70 20.34 -21.00
C TRP B 208 -4.20 20.40 -21.29
N VAL B 209 -3.64 21.62 -21.44
CA VAL B 209 -2.24 21.92 -21.76
C VAL B 209 -1.25 21.42 -20.72
N GLY B 210 -1.50 21.71 -19.45
CA GLY B 210 -0.64 21.29 -18.34
C GLY B 210 -0.33 19.81 -18.34
N PRO B 211 -1.37 18.94 -18.28
CA PRO B 211 -1.09 17.49 -18.29
C PRO B 211 -0.53 16.96 -19.62
N ILE B 212 -1.04 17.47 -20.77
CA ILE B 212 -0.54 17.02 -22.07
C ILE B 212 0.97 17.35 -22.26
N VAL B 213 1.39 18.58 -21.94
CA VAL B 213 2.78 19.00 -22.04
C VAL B 213 3.65 18.18 -21.10
N GLY B 214 3.17 18.00 -19.87
CA GLY B 214 3.90 17.25 -18.86
C GLY B 214 4.11 15.80 -19.23
N ALA B 215 3.07 15.14 -19.76
CA ALA B 215 3.19 13.75 -20.20
C ALA B 215 4.06 13.62 -21.46
N VAL B 216 3.92 14.57 -22.42
CA VAL B 216 4.74 14.50 -23.63
C VAL B 216 6.22 14.68 -23.32
N LEU B 217 6.58 15.59 -22.41
CA LEU B 217 7.98 15.78 -21.99
C LEU B 217 8.55 14.53 -21.29
N ALA B 218 7.69 13.74 -20.64
CA ALA B 218 8.11 12.48 -20.01
C ALA B 218 8.32 11.42 -21.08
N ALA B 219 7.51 11.43 -22.16
CA ALA B 219 7.68 10.47 -23.26
C ALA B 219 8.95 10.75 -24.05
N ILE B 220 9.27 12.05 -24.30
CA ILE B 220 10.48 12.38 -25.05
C ILE B 220 11.69 12.04 -24.23
N LEU B 221 11.68 12.35 -22.92
CA LEU B 221 12.80 12.03 -22.06
C LEU B 221 12.97 10.53 -21.94
N TYR B 222 11.85 9.80 -21.79
CA TYR B 222 11.90 8.36 -21.56
C TYR B 222 12.20 7.55 -22.82
N PHE B 223 11.39 7.71 -23.87
CA PHE B 223 11.53 6.90 -25.07
C PHE B 223 12.61 7.36 -26.04
N TYR B 224 13.03 8.63 -26.00
CA TYR B 224 14.02 9.11 -26.94
C TYR B 224 15.37 9.43 -26.34
N LEU B 225 15.44 9.76 -25.04
CA LEU B 225 16.71 10.14 -24.41
C LEU B 225 17.30 9.05 -23.52
N LEU B 226 16.50 8.55 -22.55
CA LEU B 226 17.00 7.57 -21.60
C LEU B 226 17.01 6.19 -22.21
N PHE B 227 15.86 5.68 -22.67
CA PHE B 227 15.78 4.32 -23.20
C PHE B 227 15.21 4.23 -24.60
N PRO B 228 15.99 4.64 -25.62
CA PRO B 228 15.50 4.51 -27.00
C PRO B 228 15.60 3.07 -27.52
N ASN B 229 14.80 2.74 -28.52
CA ASN B 229 14.87 1.43 -29.16
C ASN B 229 15.69 1.55 -30.47
N SER B 230 16.13 0.42 -31.04
CA SER B 230 16.84 0.46 -32.29
C SER B 230 15.78 0.18 -33.33
N LEU B 231 15.11 1.22 -33.78
CA LEU B 231 14.04 1.10 -34.75
C LEU B 231 14.37 1.96 -35.96
N SER B 232 14.07 1.46 -37.15
CA SER B 232 14.32 2.19 -38.39
C SER B 232 13.15 3.14 -38.73
N LEU B 233 13.34 4.05 -39.69
CA LEU B 233 12.30 4.97 -40.14
C LEU B 233 11.06 4.21 -40.61
N SER B 234 11.25 3.11 -41.35
CA SER B 234 10.16 2.29 -41.86
C SER B 234 9.37 1.61 -40.74
N GLU B 235 10.01 1.31 -39.61
CA GLU B 235 9.32 0.67 -38.48
C GLU B 235 8.56 1.74 -37.70
N ARG B 236 9.19 2.90 -37.47
CA ARG B 236 8.55 4.02 -36.78
C ARG B 236 7.31 4.49 -37.52
N VAL B 237 7.36 4.58 -38.87
CA VAL B 237 6.19 5.01 -39.63
C VAL B 237 5.09 3.97 -39.56
N ALA B 238 5.44 2.68 -39.55
CA ALA B 238 4.49 1.57 -39.47
C ALA B 238 3.77 1.53 -38.14
N ILE B 239 4.38 2.07 -37.04
CA ILE B 239 3.73 2.12 -35.74
C ILE B 239 2.63 3.19 -35.81
N ILE B 240 2.92 4.36 -36.41
CA ILE B 240 1.91 5.41 -36.53
C ILE B 240 0.73 4.94 -37.40
N LYS B 241 1.02 4.29 -38.52
CA LYS B 241 -0.03 3.83 -39.43
C LYS B 241 -0.80 2.59 -38.95
N GLY B 242 -0.33 1.95 -37.88
CA GLY B 242 -0.96 0.75 -37.34
C GLY B 242 -0.69 -0.51 -38.13
N THR B 243 0.40 -0.53 -38.88
CA THR B 243 0.76 -1.69 -39.69
C THR B 243 1.99 -2.47 -39.19
N TYR B 244 2.65 -1.99 -38.13
CA TYR B 244 3.86 -2.63 -37.57
C TYR B 244 3.59 -4.03 -37.02
N GLU B 245 4.34 -5.04 -37.52
CA GLU B 245 4.26 -6.46 -37.12
C GLU B 245 2.88 -6.94 -36.67
N SER C 2 37.61 6.64 -12.67
CA SER C 2 37.71 6.01 -13.98
C SER C 2 37.17 6.92 -15.06
N LYS C 3 38.03 7.32 -16.02
CA LYS C 3 37.63 8.14 -17.17
C LYS C 3 36.69 7.35 -18.09
N LYS C 4 36.86 6.02 -18.15
CA LYS C 4 36.01 5.15 -18.96
C LYS C 4 34.59 5.07 -18.40
N GLU C 5 34.44 5.17 -17.08
CA GLU C 5 33.13 5.14 -16.43
C GLU C 5 32.48 6.53 -16.38
N VAL C 6 33.21 7.56 -15.96
CA VAL C 6 32.70 8.92 -15.77
C VAL C 6 32.38 9.66 -17.10
N CYS C 7 33.16 9.44 -18.16
CA CYS C 7 32.89 10.14 -19.43
C CYS C 7 31.82 9.46 -20.31
N SER C 8 31.37 8.25 -19.94
CA SER C 8 30.37 7.40 -20.62
C SER C 8 28.99 8.07 -20.78
N VAL C 9 28.15 7.57 -21.68
CA VAL C 9 26.79 8.10 -21.87
C VAL C 9 25.89 7.59 -20.71
N ALA C 10 26.06 6.34 -20.28
CA ALA C 10 25.28 5.78 -19.19
C ALA C 10 25.48 6.56 -17.88
N PHE C 11 26.71 6.99 -17.60
CA PHE C 11 27.05 7.75 -16.40
C PHE C 11 26.45 9.15 -16.44
N LEU C 12 26.44 9.78 -17.63
CA LEU C 12 25.85 11.09 -17.84
C LEU C 12 24.35 11.04 -17.52
N LYS C 13 23.66 9.95 -17.92
CA LYS C 13 22.24 9.77 -17.69
C LYS C 13 21.94 9.51 -16.22
N ALA C 14 22.83 8.79 -15.53
CA ALA C 14 22.70 8.45 -14.13
C ALA C 14 22.72 9.72 -13.25
N VAL C 15 23.70 10.60 -13.49
CA VAL C 15 23.86 11.87 -12.77
C VAL C 15 22.64 12.73 -13.02
N PHE C 16 22.18 12.82 -14.28
CA PHE C 16 20.98 13.62 -14.59
C PHE C 16 19.75 13.07 -13.84
N ALA C 17 19.60 11.72 -13.80
CA ALA C 17 18.47 11.09 -13.13
C ALA C 17 18.47 11.43 -11.64
N GLU C 18 19.64 11.50 -11.01
CA GLU C 18 19.73 11.84 -9.58
C GLU C 18 19.34 13.28 -9.32
N PHE C 19 19.72 14.18 -10.23
CA PHE C 19 19.35 15.59 -10.10
C PHE C 19 17.84 15.70 -10.28
N LEU C 20 17.29 15.10 -11.33
CA LEU C 20 15.87 15.15 -11.65
C LEU C 20 15.01 14.50 -10.55
N ALA C 21 15.44 13.36 -10.01
CA ALA C 21 14.70 12.68 -8.94
C ALA C 21 14.69 13.54 -7.68
N THR C 22 15.85 14.08 -7.27
CA THR C 22 15.92 14.96 -6.08
C THR C 22 15.16 16.29 -6.31
N LEU C 23 15.04 16.74 -7.57
CA LEU C 23 14.27 17.93 -7.89
C LEU C 23 12.78 17.67 -7.57
N ILE C 24 12.24 16.55 -8.09
CA ILE C 24 10.84 16.18 -7.94
C ILE C 24 10.49 15.78 -6.52
N PHE C 25 11.36 14.99 -5.87
CA PHE C 25 11.19 14.56 -4.48
C PHE C 25 11.07 15.77 -3.55
N VAL C 26 11.95 16.77 -3.70
CA VAL C 26 11.91 17.96 -2.85
C VAL C 26 10.66 18.82 -3.17
N PHE C 27 10.33 19.05 -4.45
CA PHE C 27 9.11 19.77 -4.81
C PHE C 27 7.84 19.12 -4.20
N PHE C 28 7.71 17.78 -4.30
CA PHE C 28 6.53 17.10 -3.78
C PHE C 28 6.54 17.12 -2.28
N GLY C 29 7.67 16.69 -1.70
CA GLY C 29 7.86 16.65 -0.27
C GLY C 29 7.52 17.95 0.44
N LEU C 30 8.18 19.04 0.07
CA LEU C 30 7.96 20.35 0.66
C LEU C 30 6.56 20.90 0.38
N GLY C 31 6.10 20.78 -0.86
CA GLY C 31 4.80 21.28 -1.27
C GLY C 31 3.62 20.64 -0.55
N SER C 32 3.83 19.44 0.00
CA SER C 32 2.79 18.76 0.76
C SER C 32 2.75 19.24 2.22
N ALA C 33 3.91 19.71 2.75
CA ALA C 33 4.08 20.15 4.13
C ALA C 33 3.95 21.67 4.33
N LEU C 34 3.67 22.45 3.26
CA LEU C 34 3.50 23.89 3.43
C LEU C 34 2.27 24.16 4.32
N LYS C 35 2.20 25.35 4.96
CA LYS C 35 1.06 25.64 5.83
C LYS C 35 -0.08 26.22 5.00
N TRP C 36 -0.76 25.35 4.25
CA TRP C 36 -1.87 25.73 3.39
C TRP C 36 -3.04 26.25 4.22
N PRO C 37 -3.47 27.50 3.96
CA PRO C 37 -4.58 28.07 4.76
C PRO C 37 -5.93 27.35 4.62
N SER C 38 -6.23 26.80 3.44
CA SER C 38 -7.50 26.10 3.21
C SER C 38 -7.67 24.87 4.07
N ALA C 39 -6.55 24.16 4.34
CA ALA C 39 -6.53 22.95 5.16
C ALA C 39 -5.07 22.67 5.52
N LEU C 40 -4.67 22.84 6.79
CA LEU C 40 -3.29 22.57 7.18
C LEU C 40 -3.00 21.08 7.04
N PRO C 41 -1.96 20.72 6.28
CA PRO C 41 -1.66 19.30 6.06
C PRO C 41 -1.44 18.49 7.32
N HIS C 42 -2.18 17.37 7.44
CA HIS C 42 -2.04 16.45 8.57
C HIS C 42 -0.67 15.73 8.43
N ILE C 43 -0.10 15.25 9.54
CA ILE C 43 1.16 14.52 9.53
C ILE C 43 1.13 13.33 8.58
N LEU C 44 0.02 12.60 8.55
CA LEU C 44 -0.16 11.43 7.69
C LEU C 44 -0.16 11.80 6.20
N GLN C 45 -0.60 13.05 5.87
CA GLN C 45 -0.58 13.58 4.49
C GLN C 45 0.88 13.79 4.04
N ILE C 46 1.76 14.23 4.97
CA ILE C 46 3.15 14.57 4.73
C ILE C 46 4.01 13.33 4.71
N ALA C 47 3.79 12.40 5.62
CA ALA C 47 4.51 11.13 5.65
C ALA C 47 4.21 10.36 4.36
N LEU C 48 2.91 10.35 3.93
CA LEU C 48 2.54 9.63 2.72
C LEU C 48 3.11 10.29 1.48
N ALA C 49 3.16 11.62 1.41
CA ALA C 49 3.72 12.31 0.24
C ALA C 49 5.23 12.19 0.10
N PHE C 50 5.97 12.22 1.21
CA PHE C 50 7.41 12.01 1.15
C PHE C 50 7.69 10.55 0.73
N GLY C 51 6.91 9.62 1.27
CA GLY C 51 7.05 8.19 1.00
C GLY C 51 6.67 7.77 -0.41
N LEU C 52 5.58 8.33 -0.93
CA LEU C 52 5.14 7.98 -2.27
C LEU C 52 6.02 8.61 -3.33
N ALA C 53 6.57 9.83 -3.10
CA ALA C 53 7.49 10.45 -4.05
C ALA C 53 8.73 9.58 -4.23
N ILE C 54 9.33 9.11 -3.14
CA ILE C 54 10.51 8.25 -3.21
C ILE C 54 10.16 6.93 -3.89
N GLY C 55 9.02 6.33 -3.54
CA GLY C 55 8.61 5.07 -4.14
C GLY C 55 8.38 5.19 -5.63
N THR C 56 7.71 6.26 -6.05
CA THR C 56 7.43 6.52 -7.44
C THR C 56 8.72 6.76 -8.21
N LEU C 57 9.62 7.57 -7.65
CA LEU C 57 10.89 7.93 -8.27
C LEU C 57 11.87 6.79 -8.35
N ALA C 58 11.90 5.93 -7.32
CA ALA C 58 12.72 4.72 -7.33
C ALA C 58 12.21 3.79 -8.45
N GLN C 59 10.89 3.72 -8.66
CA GLN C 59 10.33 2.89 -9.69
C GLN C 59 10.60 3.46 -11.11
N ALA C 60 10.53 4.79 -11.26
CA ALA C 60 10.71 5.42 -12.55
C ALA C 60 12.18 5.60 -12.99
N LEU C 61 13.04 6.11 -12.10
CA LEU C 61 14.42 6.43 -12.44
C LEU C 61 15.47 5.48 -11.84
N GLY C 62 15.06 4.60 -10.91
CA GLY C 62 15.93 3.57 -10.35
C GLY C 62 16.70 2.74 -11.37
N PRO C 63 16.07 2.31 -12.51
CA PRO C 63 16.83 1.56 -13.52
C PRO C 63 17.91 2.38 -14.27
N VAL C 64 17.88 3.72 -14.14
CA VAL C 64 18.84 4.60 -14.80
C VAL C 64 20.09 4.81 -13.94
N SER C 65 19.91 5.07 -12.63
CA SER C 65 21.02 5.40 -11.75
C SER C 65 21.13 4.62 -10.44
N GLY C 66 20.05 3.97 -10.04
CA GLY C 66 20.00 3.26 -8.77
C GLY C 66 18.99 3.83 -7.79
N GLY C 67 18.48 5.03 -8.10
CA GLY C 67 17.47 5.74 -7.32
C GLY C 67 17.94 6.06 -5.92
N HIS C 68 19.16 6.64 -5.79
CA HIS C 68 19.74 7.01 -4.50
C HIS C 68 18.92 8.14 -3.90
N ILE C 69 18.74 9.25 -4.66
CA ILE C 69 17.94 10.43 -4.29
C ILE C 69 18.26 10.94 -2.86
N ASN C 70 19.43 10.57 -2.32
CA ASN C 70 19.81 10.89 -0.96
C ASN C 70 21.33 10.74 -0.75
N PRO C 71 21.99 11.86 -0.39
CA PRO C 71 23.45 11.82 -0.12
C PRO C 71 23.92 10.80 0.91
N ALA C 72 23.12 10.56 1.95
CA ALA C 72 23.44 9.60 2.99
C ALA C 72 23.48 8.18 2.44
N ILE C 73 22.54 7.84 1.54
CA ILE C 73 22.50 6.49 0.96
C ILE C 73 23.67 6.31 0.00
N THR C 74 24.00 7.35 -0.77
CA THR C 74 25.13 7.34 -1.70
C THR C 74 26.44 6.98 -0.98
N LEU C 75 26.77 7.72 0.09
CA LEU C 75 27.96 7.51 0.93
C LEU C 75 27.95 6.14 1.62
N ALA C 76 26.77 5.63 1.99
CA ALA C 76 26.66 4.31 2.59
C ALA C 76 26.99 3.24 1.56
N LEU C 77 26.53 3.42 0.32
CA LEU C 77 26.87 2.48 -0.76
C LEU C 77 28.38 2.56 -1.08
N LEU C 78 29.01 3.76 -0.91
CA LEU C 78 30.44 3.92 -1.12
C LEU C 78 31.21 3.15 -0.05
N VAL C 79 30.95 3.45 1.23
CA VAL C 79 31.62 2.77 2.34
C VAL C 79 31.40 1.24 2.28
N GLY C 80 30.21 0.82 1.85
CA GLY C 80 29.85 -0.59 1.71
C GLY C 80 30.44 -1.29 0.50
N ASN C 81 31.28 -0.56 -0.29
CA ASN C 81 32.00 -1.05 -1.46
C ASN C 81 31.07 -1.49 -2.58
N GLN C 82 30.14 -0.61 -2.97
CA GLN C 82 29.15 -0.89 -4.01
C GLN C 82 29.30 0.09 -5.14
N ILE C 83 29.57 1.38 -4.85
CA ILE C 83 29.74 2.40 -5.88
C ILE C 83 31.16 3.02 -5.87
N SER C 84 31.52 3.74 -6.94
CA SER C 84 32.85 4.35 -7.04
C SER C 84 32.90 5.72 -6.34
N LEU C 85 34.12 6.21 -6.02
CA LEU C 85 34.31 7.51 -5.36
C LEU C 85 33.80 8.64 -6.26
N LEU C 86 34.09 8.57 -7.56
CA LEU C 86 33.63 9.60 -8.51
C LEU C 86 32.11 9.52 -8.72
N ARG C 87 31.56 8.30 -8.72
CA ARG C 87 30.11 8.06 -8.82
C ARG C 87 29.43 8.73 -7.62
N ALA C 88 29.98 8.53 -6.42
CA ALA C 88 29.49 9.14 -5.20
C ALA C 88 29.56 10.69 -5.21
N PHE C 89 30.68 11.28 -5.68
CA PHE C 89 30.82 12.73 -5.71
C PHE C 89 29.81 13.37 -6.65
N PHE C 90 29.66 12.84 -7.87
CA PHE C 90 28.72 13.39 -8.84
C PHE C 90 27.29 13.17 -8.38
N TYR C 91 26.97 12.00 -7.77
CA TYR C 91 25.61 11.73 -7.27
C TYR C 91 25.26 12.73 -6.18
N VAL C 92 26.13 12.92 -5.19
CA VAL C 92 25.95 13.90 -4.12
C VAL C 92 25.79 15.33 -4.67
N ALA C 93 26.63 15.73 -5.63
CA ALA C 93 26.52 17.07 -6.22
C ALA C 93 25.20 17.25 -6.99
N ALA C 94 24.80 16.25 -7.77
CA ALA C 94 23.55 16.29 -8.54
C ALA C 94 22.33 16.31 -7.60
N GLN C 95 22.41 15.58 -6.48
CA GLN C 95 21.35 15.54 -5.47
C GLN C 95 21.22 16.88 -4.81
N LEU C 96 22.34 17.50 -4.40
CA LEU C 96 22.33 18.82 -3.76
C LEU C 96 21.75 19.91 -4.65
N VAL C 97 22.14 19.92 -5.94
CA VAL C 97 21.66 20.89 -6.92
C VAL C 97 20.20 20.65 -7.31
N GLY C 98 19.79 19.38 -7.32
CA GLY C 98 18.42 18.97 -7.61
C GLY C 98 17.52 19.43 -6.49
N ALA C 99 17.96 19.23 -5.23
CA ALA C 99 17.18 19.66 -4.06
C ALA C 99 17.02 21.19 -4.07
N ILE C 100 18.08 21.95 -4.40
CA ILE C 100 17.98 23.39 -4.49
C ILE C 100 17.00 23.80 -5.59
N ALA C 101 17.09 23.16 -6.77
CA ALA C 101 16.20 23.45 -7.90
C ALA C 101 14.73 23.14 -7.60
N GLY C 102 14.47 22.02 -6.94
CA GLY C 102 13.11 21.61 -6.59
C GLY C 102 12.50 22.58 -5.62
N ALA C 103 13.28 23.00 -4.61
CA ALA C 103 12.85 24.02 -3.65
C ALA C 103 12.55 25.36 -4.35
N GLY C 104 13.41 25.76 -5.29
CA GLY C 104 13.25 27.00 -6.05
C GLY C 104 12.03 27.02 -6.94
N ILE C 105 11.75 25.89 -7.63
CA ILE C 105 10.57 25.74 -8.47
C ILE C 105 9.28 25.84 -7.60
N LEU C 106 9.34 25.28 -6.39
CA LEU C 106 8.23 25.32 -5.45
C LEU C 106 8.02 26.75 -4.98
N TYR C 107 9.11 27.48 -4.65
CA TYR C 107 9.07 28.86 -4.18
C TYR C 107 8.36 29.75 -5.15
N GLY C 108 8.71 29.64 -6.42
CA GLY C 108 8.11 30.47 -7.47
C GLY C 108 6.72 30.07 -7.88
N VAL C 109 6.15 29.01 -7.28
CA VAL C 109 4.82 28.55 -7.64
C VAL C 109 3.85 28.62 -6.45
N ALA C 110 4.35 28.42 -5.22
CA ALA C 110 3.52 28.46 -4.03
C ALA C 110 3.05 29.89 -3.77
N PRO C 111 1.76 30.06 -3.41
CA PRO C 111 1.28 31.42 -3.13
C PRO C 111 1.94 32.02 -1.89
N LEU C 112 1.93 33.35 -1.81
CA LEU C 112 2.54 34.14 -0.74
C LEU C 112 2.12 33.74 0.69
N ASN C 113 0.82 33.49 0.93
CA ASN C 113 0.36 33.14 2.27
C ASN C 113 0.62 31.66 2.65
N ALA C 114 0.89 30.80 1.66
CA ALA C 114 1.18 29.39 1.94
C ALA C 114 2.68 29.09 1.96
N ARG C 115 3.49 29.88 1.20
CA ARG C 115 4.93 29.75 1.06
C ARG C 115 5.69 29.60 2.41
N GLY C 116 5.52 30.55 3.32
CA GLY C 116 6.15 30.52 4.64
C GLY C 116 7.64 30.22 4.64
N ASN C 117 8.09 29.37 5.54
CA ASN C 117 9.50 28.99 5.63
C ASN C 117 9.90 27.88 4.65
N LEU C 118 9.01 27.53 3.68
CA LEU C 118 9.22 26.49 2.66
C LEU C 118 9.63 25.12 3.24
N ALA C 119 8.83 24.62 4.18
CA ALA C 119 8.99 23.33 4.86
C ALA C 119 10.44 22.97 5.25
N VAL C 120 11.20 23.94 5.81
CA VAL C 120 12.56 23.67 6.28
C VAL C 120 12.50 22.82 7.54
N ASN C 121 13.54 22.01 7.76
CA ASN C 121 13.64 21.16 8.93
C ASN C 121 13.90 22.00 10.17
N ALA C 122 12.95 21.99 11.12
CA ALA C 122 13.06 22.73 12.37
C ALA C 122 13.06 21.73 13.54
N LEU C 123 14.07 21.83 14.41
CA LEU C 123 14.20 20.96 15.57
C LEU C 123 13.16 21.33 16.64
N ASN C 124 12.56 20.33 17.30
CA ASN C 124 11.59 20.59 18.36
C ASN C 124 12.26 21.32 19.53
N ASN C 125 11.68 22.43 19.97
CA ASN C 125 12.18 23.27 21.05
C ASN C 125 12.51 22.56 22.36
N ASN C 126 11.98 21.34 22.56
CA ASN C 126 12.23 20.59 23.79
C ASN C 126 13.23 19.45 23.61
N THR C 127 13.73 19.19 22.39
CA THR C 127 14.70 18.11 22.20
C THR C 127 16.09 18.69 21.89
N THR C 128 17.11 18.21 22.59
CA THR C 128 18.47 18.68 22.39
C THR C 128 19.03 18.18 21.05
N GLN C 129 20.12 18.80 20.57
CA GLN C 129 20.75 18.40 19.31
C GLN C 129 21.20 16.94 19.34
N GLY C 130 21.63 16.45 20.50
CA GLY C 130 22.08 15.08 20.66
C GLY C 130 20.95 14.07 20.63
N GLN C 131 19.76 14.48 21.09
CA GLN C 131 18.58 13.62 21.06
C GLN C 131 18.13 13.48 19.62
N ALA C 132 18.02 14.61 18.90
CA ALA C 132 17.63 14.65 17.50
C ALA C 132 18.62 13.95 16.58
N MET C 133 19.90 13.83 16.97
CA MET C 133 20.91 13.17 16.14
C MET C 133 20.79 11.64 16.29
N VAL C 134 20.53 11.16 17.50
CA VAL C 134 20.31 9.73 17.72
C VAL C 134 19.00 9.28 17.05
N VAL C 135 17.99 10.18 16.94
CA VAL C 135 16.74 9.88 16.27
C VAL C 135 16.98 9.79 14.76
N GLU C 136 17.68 10.78 14.20
CA GLU C 136 18.03 10.76 12.77
C GLU C 136 18.92 9.58 12.42
N LEU C 137 19.74 9.09 13.37
CA LEU C 137 20.56 7.91 13.18
C LEU C 137 19.64 6.69 12.93
N ILE C 138 18.64 6.48 13.81
CA ILE C 138 17.71 5.36 13.72
C ILE C 138 16.83 5.46 12.48
N LEU C 139 16.36 6.68 12.16
CA LEU C 139 15.49 6.92 11.03
C LEU C 139 16.10 6.45 9.71
N THR C 140 17.29 6.93 9.42
CA THR C 140 18.00 6.62 8.17
C THR C 140 18.57 5.19 8.15
N PHE C 141 18.84 4.61 9.33
CA PHE C 141 19.41 3.30 9.43
C PHE C 141 18.42 2.27 8.93
N GLN C 142 17.14 2.40 9.36
CA GLN C 142 16.11 1.45 8.94
C GLN C 142 15.84 1.57 7.43
N LEU C 143 15.88 2.81 6.90
CA LEU C 143 15.65 3.06 5.49
C LEU C 143 16.77 2.42 4.70
N ALA C 144 18.05 2.74 5.05
CA ALA C 144 19.21 2.17 4.37
C ALA C 144 19.18 0.64 4.36
N LEU C 145 18.94 -0.01 5.51
CA LEU C 145 18.84 -1.47 5.59
C LEU C 145 17.76 -2.03 4.67
N CYS C 146 16.67 -1.27 4.49
CA CYS C 146 15.58 -1.68 3.64
C CYS C 146 16.04 -1.62 2.17
N ILE C 147 16.71 -0.52 1.81
CA ILE C 147 17.25 -0.31 0.46
C ILE C 147 18.27 -1.39 0.10
N PHE C 148 19.14 -1.75 1.05
CA PHE C 148 20.16 -2.78 0.80
C PHE C 148 19.57 -4.16 0.62
N ALA C 149 18.72 -4.59 1.55
CA ALA C 149 18.10 -5.91 1.46
C ALA C 149 17.20 -6.01 0.23
N SER C 150 16.50 -4.92 -0.12
CA SER C 150 15.57 -4.91 -1.25
C SER C 150 16.23 -4.78 -2.60
N THR C 151 17.51 -4.40 -2.65
CA THR C 151 18.20 -4.28 -3.95
C THR C 151 19.39 -5.26 -4.08
N ASP C 152 19.55 -6.21 -3.15
CA ASP C 152 20.61 -7.19 -3.21
C ASP C 152 20.23 -8.20 -4.28
N SER C 153 21.12 -8.42 -5.24
CA SER C 153 20.87 -9.37 -6.31
C SER C 153 20.98 -10.83 -5.86
N ARG C 154 21.62 -11.11 -4.70
CA ARG C 154 21.78 -12.48 -4.19
C ARG C 154 20.59 -12.99 -3.37
N ARG C 155 19.57 -12.13 -3.15
CA ARG C 155 18.36 -12.38 -2.37
C ARG C 155 17.50 -13.41 -3.05
N THR C 156 17.21 -14.52 -2.36
CA THR C 156 16.38 -15.59 -2.92
C THR C 156 14.92 -15.49 -2.48
N SER C 157 14.66 -14.90 -1.31
CA SER C 157 13.34 -14.69 -0.73
C SER C 157 12.52 -13.75 -1.64
N PRO C 158 11.18 -13.91 -1.71
CA PRO C 158 10.39 -12.97 -2.54
C PRO C 158 10.58 -11.51 -2.09
N VAL C 159 10.99 -10.66 -3.02
CA VAL C 159 11.29 -9.27 -2.71
C VAL C 159 10.02 -8.36 -2.76
N GLY C 160 8.99 -8.83 -3.47
CA GLY C 160 7.78 -8.06 -3.68
C GLY C 160 8.05 -6.84 -4.53
N SER C 161 7.78 -5.66 -3.98
CA SER C 161 8.01 -4.42 -4.69
C SER C 161 9.06 -3.65 -3.93
N PRO C 162 10.29 -3.59 -4.45
CA PRO C 162 11.35 -2.87 -3.75
C PRO C 162 11.05 -1.38 -3.62
N ALA C 163 10.53 -0.76 -4.67
CA ALA C 163 10.18 0.66 -4.65
C ALA C 163 9.16 0.97 -3.57
N LEU C 164 8.09 0.16 -3.46
CA LEU C 164 7.05 0.48 -2.47
C LEU C 164 7.52 0.23 -1.07
N SER C 165 8.28 -0.86 -0.83
CA SER C 165 8.88 -1.12 0.48
C SER C 165 9.79 0.04 0.91
N ILE C 166 10.67 0.51 0.00
CA ILE C 166 11.55 1.64 0.27
C ILE C 166 10.75 2.90 0.55
N GLY C 167 9.82 3.26 -0.33
CA GLY C 167 8.97 4.44 -0.11
C GLY C 167 8.11 4.39 1.17
N LEU C 168 7.58 3.22 1.54
CA LEU C 168 6.78 3.11 2.76
C LEU C 168 7.64 3.22 4.06
N SER C 169 8.96 3.03 3.92
CA SER C 169 10.00 3.16 4.94
C SER C 169 10.22 4.65 5.21
N VAL C 170 10.20 5.47 4.16
CA VAL C 170 10.28 6.91 4.24
C VAL C 170 9.02 7.44 4.96
N THR C 171 7.84 6.87 4.64
CA THR C 171 6.58 7.22 5.33
C THR C 171 6.71 6.90 6.83
N LEU C 172 7.12 5.67 7.20
CA LEU C 172 7.34 5.29 8.61
C LEU C 172 8.24 6.31 9.35
N GLY C 173 9.33 6.71 8.71
CA GLY C 173 10.30 7.65 9.25
C GLY C 173 9.68 8.97 9.60
N HIS C 174 8.73 9.43 8.77
CA HIS C 174 8.00 10.68 9.02
C HIS C 174 6.99 10.58 10.16
N LEU C 175 6.41 9.41 10.40
CA LEU C 175 5.42 9.23 11.46
C LEU C 175 5.98 9.36 12.88
N VAL C 176 7.32 9.31 13.01
CA VAL C 176 8.03 9.46 14.27
C VAL C 176 8.86 10.76 14.17
N GLY C 177 9.67 10.87 13.14
CA GLY C 177 10.59 11.96 12.91
C GLY C 177 10.03 13.35 12.78
N ILE C 178 8.80 13.52 12.22
CA ILE C 178 8.21 14.86 12.07
C ILE C 178 8.13 15.59 13.41
N TYR C 179 7.82 14.83 14.47
CA TYR C 179 7.74 15.33 15.82
C TYR C 179 9.08 15.82 16.37
N PHE C 180 10.20 15.15 16.06
CA PHE C 180 11.52 15.52 16.57
C PHE C 180 12.23 16.64 15.80
N THR C 181 12.25 16.57 14.46
CA THR C 181 12.94 17.56 13.60
C THR C 181 12.20 17.96 12.34
N GLY C 182 10.97 17.50 12.16
CA GLY C 182 10.24 17.70 10.91
C GLY C 182 10.58 16.61 9.88
N CYS C 183 11.49 15.69 10.27
CA CYS C 183 12.03 14.53 9.60
C CYS C 183 12.93 14.87 8.44
N SER C 184 14.16 14.39 8.50
CA SER C 184 15.10 14.63 7.41
C SER C 184 15.44 13.33 6.67
N MET C 185 16.21 12.40 7.31
CA MET C 185 16.71 11.14 6.73
C MET C 185 17.46 11.39 5.39
N ASN C 186 17.83 12.64 5.09
CA ASN C 186 18.36 13.01 3.81
C ASN C 186 18.92 14.41 3.90
N PRO C 187 20.27 14.55 3.90
CA PRO C 187 20.89 15.88 3.95
C PRO C 187 20.50 16.84 2.83
N ALA C 188 20.27 16.35 1.61
CA ALA C 188 19.88 17.22 0.50
C ALA C 188 18.47 17.77 0.67
N ARG C 189 17.57 17.01 1.32
CA ARG C 189 16.18 17.45 1.60
C ARG C 189 16.20 18.65 2.58
N SER C 190 17.15 18.66 3.53
CA SER C 190 17.28 19.76 4.47
C SER C 190 18.01 20.91 3.78
N PHE C 191 19.11 20.63 3.07
CA PHE C 191 19.90 21.60 2.34
C PHE C 191 19.05 22.42 1.35
N GLY C 192 18.29 21.74 0.50
CA GLY C 192 17.42 22.32 -0.52
C GLY C 192 16.68 23.58 -0.14
N PRO C 193 15.70 23.50 0.79
CA PRO C 193 14.95 24.72 1.16
C PRO C 193 15.77 25.69 2.02
N ALA C 194 16.77 25.21 2.77
CA ALA C 194 17.63 26.08 3.56
C ALA C 194 18.44 26.99 2.62
N VAL C 195 18.81 26.52 1.42
CA VAL C 195 19.54 27.32 0.44
C VAL C 195 18.62 28.29 -0.31
N VAL C 196 17.35 27.90 -0.54
CA VAL C 196 16.43 28.80 -1.23
C VAL C 196 15.95 29.91 -0.29
N MET C 197 15.52 29.55 0.91
CA MET C 197 15.08 30.51 1.91
C MET C 197 16.25 31.25 2.58
N ASN C 198 17.49 30.75 2.44
CA ASN C 198 18.70 31.31 3.04
C ASN C 198 18.51 31.41 4.55
N ARG C 199 18.10 30.31 5.16
CA ARG C 199 17.81 30.23 6.57
C ARG C 199 18.26 28.85 7.06
N PHE C 200 19.40 28.79 7.75
CA PHE C 200 19.98 27.57 8.28
C PHE C 200 19.91 27.62 9.79
N SER C 201 19.33 26.61 10.41
CA SER C 201 19.19 26.56 11.88
C SER C 201 20.55 26.27 12.54
N PRO C 202 20.75 26.61 13.83
CA PRO C 202 22.01 26.24 14.49
C PRO C 202 22.16 24.71 14.69
N ALA C 203 21.17 23.91 14.22
CA ALA C 203 21.18 22.44 14.27
C ALA C 203 21.21 21.78 12.88
N HIS C 204 21.47 22.55 11.80
CA HIS C 204 21.54 21.99 10.44
C HIS C 204 22.52 20.81 10.34
N TRP C 205 23.57 20.81 11.18
CA TRP C 205 24.57 19.76 11.19
C TRP C 205 23.96 18.41 11.56
N VAL C 206 22.88 18.40 12.38
CA VAL C 206 22.17 17.17 12.77
C VAL C 206 21.62 16.47 11.52
N PHE C 207 21.06 17.28 10.61
CA PHE C 207 20.47 16.84 9.35
C PHE C 207 21.52 16.30 8.32
N TRP C 208 22.81 16.34 8.68
CA TRP C 208 23.88 15.81 7.86
C TRP C 208 24.49 14.64 8.63
N VAL C 209 24.89 14.88 9.88
CA VAL C 209 25.54 13.91 10.73
C VAL C 209 24.67 12.69 10.99
N GLY C 210 23.44 12.91 11.43
CA GLY C 210 22.46 11.86 11.72
C GLY C 210 22.22 10.94 10.55
N PRO C 211 21.62 11.45 9.44
CA PRO C 211 21.38 10.58 8.26
C PRO C 211 22.60 9.81 7.76
N ILE C 212 23.73 10.51 7.54
CA ILE C 212 24.97 9.88 7.09
C ILE C 212 25.42 8.77 8.04
N VAL C 213 25.59 9.07 9.34
CA VAL C 213 26.04 8.07 10.32
C VAL C 213 25.06 6.88 10.38
N GLY C 214 23.76 7.16 10.27
CA GLY C 214 22.71 6.14 10.28
C GLY C 214 22.76 5.22 9.07
N ALA C 215 22.85 5.77 7.86
CA ALA C 215 22.99 4.96 6.65
C ALA C 215 24.30 4.17 6.67
N VAL C 216 25.42 4.82 7.05
CA VAL C 216 26.75 4.23 7.14
C VAL C 216 26.78 2.97 8.06
N LEU C 217 26.18 3.05 9.26
CA LEU C 217 26.16 1.89 10.15
C LEU C 217 25.34 0.72 9.56
N ALA C 218 24.31 1.03 8.78
CA ALA C 218 23.52 0.01 8.11
C ALA C 218 24.32 -0.65 6.99
N ALA C 219 25.22 0.10 6.33
CA ALA C 219 26.09 -0.42 5.27
C ALA C 219 27.16 -1.35 5.87
N ILE C 220 27.76 -0.95 7.01
CA ILE C 220 28.76 -1.76 7.69
C ILE C 220 28.13 -3.08 8.15
N LEU C 221 26.96 -2.99 8.81
CA LEU C 221 26.24 -4.17 9.28
C LEU C 221 25.75 -5.08 8.12
N TYR C 222 25.16 -4.49 7.07
CA TYR C 222 24.63 -5.29 5.96
C TYR C 222 25.73 -5.93 5.11
N PHE C 223 26.64 -5.12 4.57
CA PHE C 223 27.66 -5.59 3.64
C PHE C 223 28.89 -6.26 4.24
N TYR C 224 29.20 -6.05 5.53
CA TYR C 224 30.42 -6.65 6.10
C TYR C 224 30.16 -7.65 7.20
N LEU C 225 29.03 -7.52 7.92
CA LEU C 225 28.75 -8.44 9.00
C LEU C 225 27.71 -9.48 8.62
N LEU C 226 26.59 -9.04 8.06
CA LEU C 226 25.50 -9.96 7.72
C LEU C 226 25.71 -10.72 6.42
N PHE C 227 25.83 -10.01 5.27
CA PHE C 227 25.99 -10.67 3.98
C PHE C 227 27.21 -10.20 3.17
N PRO C 228 28.44 -10.52 3.62
CA PRO C 228 29.63 -10.10 2.85
C PRO C 228 29.81 -10.86 1.54
N ASN C 229 30.58 -10.31 0.59
CA ASN C 229 30.85 -11.00 -0.68
C ASN C 229 32.26 -11.65 -0.72
N SER C 230 32.48 -12.56 -1.67
CA SER C 230 33.76 -13.25 -1.82
C SER C 230 34.70 -12.50 -2.78
N LEU C 231 34.91 -11.21 -2.51
CA LEU C 231 35.74 -10.36 -3.36
C LEU C 231 37.13 -10.14 -2.78
N SER C 232 38.16 -10.29 -3.63
CA SER C 232 39.57 -10.07 -3.26
C SER C 232 39.84 -8.57 -3.11
N LEU C 233 40.88 -8.20 -2.33
CA LEU C 233 41.22 -6.79 -2.09
C LEU C 233 41.40 -5.95 -3.36
N SER C 234 41.87 -6.55 -4.47
CA SER C 234 42.05 -5.82 -5.73
C SER C 234 40.69 -5.46 -6.34
N GLU C 235 39.71 -6.37 -6.20
CA GLU C 235 38.36 -6.13 -6.71
C GLU C 235 37.69 -4.99 -5.96
N ARG C 236 38.00 -4.83 -4.66
CA ARG C 236 37.48 -3.75 -3.82
C ARG C 236 38.00 -2.39 -4.29
N VAL C 237 39.32 -2.27 -4.53
CA VAL C 237 39.86 -0.99 -5.03
C VAL C 237 39.41 -0.72 -6.47
N ALA C 238 39.17 -1.78 -7.26
CA ALA C 238 38.67 -1.62 -8.62
C ALA C 238 37.27 -0.97 -8.60
N ILE C 239 36.44 -1.27 -7.57
CA ILE C 239 35.10 -0.71 -7.38
C ILE C 239 35.15 0.78 -7.10
N ILE C 240 36.02 1.20 -6.14
CA ILE C 240 36.25 2.60 -5.76
C ILE C 240 36.79 3.38 -6.95
N LYS C 241 37.74 2.78 -7.69
CA LYS C 241 38.34 3.43 -8.85
C LYS C 241 37.43 3.44 -10.08
N GLY C 242 36.46 2.54 -10.13
CA GLY C 242 35.47 2.50 -11.20
C GLY C 242 35.87 1.66 -12.40
N THR C 243 36.85 0.76 -12.23
CA THR C 243 37.32 -0.11 -13.29
C THR C 243 36.74 -1.54 -13.23
N TYR C 244 36.17 -1.93 -12.06
CA TYR C 244 35.59 -3.26 -11.85
C TYR C 244 34.45 -3.54 -12.83
N GLU C 245 34.35 -4.78 -13.35
CA GLU C 245 33.33 -5.29 -14.30
C GLU C 245 32.24 -4.29 -14.74
N SER D 2 -21.90 -32.79 -7.63
CA SER D 2 -21.07 -33.99 -7.64
C SER D 2 -20.70 -34.33 -6.21
N LYS D 3 -21.34 -35.35 -5.63
CA LYS D 3 -21.03 -35.76 -4.25
C LYS D 3 -19.58 -36.25 -4.06
N LYS D 4 -18.85 -36.52 -5.15
CA LYS D 4 -17.44 -36.90 -5.06
C LYS D 4 -16.57 -35.65 -4.84
N GLU D 5 -16.99 -34.48 -5.36
CA GLU D 5 -16.32 -33.20 -5.14
C GLU D 5 -16.74 -32.69 -3.73
N VAL D 6 -18.05 -32.77 -3.42
CA VAL D 6 -18.68 -32.35 -2.16
C VAL D 6 -18.21 -33.12 -0.92
N CYS D 7 -18.06 -34.45 -1.03
CA CYS D 7 -17.63 -35.25 0.12
C CYS D 7 -16.11 -35.45 0.19
N SER D 8 -15.35 -34.42 -0.19
CA SER D 8 -13.89 -34.48 -0.15
C SER D 8 -13.33 -33.73 1.06
N VAL D 9 -12.10 -34.05 1.46
CA VAL D 9 -11.41 -33.40 2.58
C VAL D 9 -11.11 -31.94 2.21
N ALA D 10 -10.66 -31.72 0.97
CA ALA D 10 -10.32 -30.40 0.43
C ALA D 10 -11.55 -29.52 0.37
N PHE D 11 -12.71 -30.08 0.00
CA PHE D 11 -13.96 -29.33 -0.08
C PHE D 11 -14.43 -28.95 1.30
N LEU D 12 -14.27 -29.85 2.28
CA LEU D 12 -14.64 -29.59 3.67
C LEU D 12 -13.83 -28.41 4.20
N LYS D 13 -12.52 -28.39 3.92
CA LYS D 13 -11.68 -27.31 4.44
C LYS D 13 -11.80 -26.04 3.61
N ALA D 14 -12.37 -26.09 2.40
CA ALA D 14 -12.64 -24.92 1.58
C ALA D 14 -13.88 -24.24 2.13
N VAL D 15 -14.93 -25.02 2.46
CA VAL D 15 -16.16 -24.51 3.07
C VAL D 15 -15.82 -23.92 4.44
N PHE D 16 -14.95 -24.60 5.20
CA PHE D 16 -14.53 -24.10 6.51
C PHE D 16 -13.78 -22.76 6.40
N ALA D 17 -12.88 -22.60 5.41
CA ALA D 17 -12.12 -21.38 5.19
C ALA D 17 -13.04 -20.21 4.83
N GLU D 18 -14.10 -20.48 4.07
CA GLU D 18 -15.07 -19.46 3.69
C GLU D 18 -15.87 -19.02 4.93
N PHE D 19 -16.14 -19.97 5.87
CA PHE D 19 -16.81 -19.67 7.12
C PHE D 19 -15.89 -18.79 7.99
N LEU D 20 -14.64 -19.22 8.17
CA LEU D 20 -13.69 -18.52 9.03
C LEU D 20 -13.29 -17.17 8.50
N ALA D 21 -13.12 -17.03 7.19
CA ALA D 21 -12.73 -15.76 6.60
C ALA D 21 -13.84 -14.74 6.74
N THR D 22 -15.10 -15.13 6.49
CA THR D 22 -16.22 -14.20 6.63
C THR D 22 -16.44 -13.82 8.11
N LEU D 23 -16.19 -14.77 9.03
CA LEU D 23 -16.26 -14.53 10.47
C LEU D 23 -15.31 -13.38 10.84
N ILE D 24 -14.02 -13.51 10.46
CA ILE D 24 -12.94 -12.57 10.71
C ILE D 24 -13.21 -11.25 10.02
N PHE D 25 -13.54 -11.27 8.73
CA PHE D 25 -13.85 -10.09 7.94
C PHE D 25 -14.95 -9.23 8.58
N VAL D 26 -16.10 -9.85 8.92
CA VAL D 26 -17.22 -9.18 9.58
C VAL D 26 -16.81 -8.70 10.97
N PHE D 27 -16.02 -9.49 11.73
CA PHE D 27 -15.50 -9.02 13.01
C PHE D 27 -14.70 -7.69 12.85
N PHE D 28 -13.64 -7.66 11.99
CA PHE D 28 -12.78 -6.49 11.83
C PHE D 28 -13.50 -5.30 11.23
N GLY D 29 -14.34 -5.56 10.24
CA GLY D 29 -15.06 -4.50 9.56
C GLY D 29 -15.98 -3.71 10.47
N LEU D 30 -16.96 -4.40 11.10
CA LEU D 30 -17.91 -3.75 12.01
C LEU D 30 -17.21 -3.15 13.22
N GLY D 31 -16.23 -3.85 13.78
CA GLY D 31 -15.49 -3.36 14.93
C GLY D 31 -14.77 -2.06 14.68
N SER D 32 -14.32 -1.86 13.44
CA SER D 32 -13.63 -0.63 13.04
C SER D 32 -14.60 0.52 12.88
N ALA D 33 -15.85 0.24 12.44
CA ALA D 33 -16.87 1.26 12.20
C ALA D 33 -17.79 1.52 13.39
N LEU D 34 -17.54 0.90 14.57
CA LEU D 34 -18.40 1.15 15.73
C LEU D 34 -18.27 2.61 16.16
N LYS D 35 -19.30 3.11 16.85
CA LYS D 35 -19.30 4.50 17.33
C LYS D 35 -18.55 4.62 18.64
N TRP D 36 -17.23 4.34 18.64
CA TRP D 36 -16.36 4.48 19.80
C TRP D 36 -16.39 5.94 20.25
N PRO D 37 -16.85 6.20 21.49
CA PRO D 37 -17.00 7.58 21.94
C PRO D 37 -15.68 8.31 22.13
N SER D 38 -14.60 7.59 22.49
CA SER D 38 -13.33 8.28 22.73
C SER D 38 -12.73 8.88 21.45
N ALA D 39 -13.05 8.28 20.29
CA ALA D 39 -12.58 8.73 18.97
C ALA D 39 -13.47 8.10 17.92
N LEU D 40 -14.47 8.84 17.40
CA LEU D 40 -15.35 8.29 16.37
C LEU D 40 -14.53 8.03 15.09
N PRO D 41 -14.54 6.77 14.63
CA PRO D 41 -13.75 6.40 13.44
C PRO D 41 -13.99 7.23 12.19
N HIS D 42 -12.88 7.60 11.52
CA HIS D 42 -12.90 8.37 10.28
C HIS D 42 -13.25 7.44 9.13
N ILE D 43 -13.85 7.94 8.06
CA ILE D 43 -14.16 7.13 6.86
C ILE D 43 -12.90 6.36 6.35
N LEU D 44 -11.73 6.99 6.46
CA LEU D 44 -10.42 6.51 6.04
C LEU D 44 -10.06 5.26 6.83
N GLN D 45 -10.32 5.27 8.15
CA GLN D 45 -10.07 4.15 9.06
C GLN D 45 -10.97 2.98 8.67
N ILE D 46 -12.27 3.26 8.36
CA ILE D 46 -13.23 2.22 8.04
C ILE D 46 -12.92 1.61 6.70
N ALA D 47 -12.72 2.45 5.66
CA ALA D 47 -12.35 1.97 4.32
C ALA D 47 -11.08 1.09 4.40
N LEU D 48 -10.09 1.52 5.21
CA LEU D 48 -8.88 0.73 5.36
C LEU D 48 -9.07 -0.60 6.08
N ALA D 49 -9.88 -0.65 7.15
CA ALA D 49 -10.07 -1.90 7.89
C ALA D 49 -10.80 -2.95 7.05
N PHE D 50 -11.85 -2.53 6.34
CA PHE D 50 -12.57 -3.44 5.45
C PHE D 50 -11.65 -4.00 4.34
N GLY D 51 -10.88 -3.10 3.71
CA GLY D 51 -9.94 -3.46 2.66
C GLY D 51 -8.75 -4.32 3.09
N LEU D 52 -8.13 -3.98 4.22
CA LEU D 52 -6.99 -4.75 4.74
C LEU D 52 -7.45 -6.11 5.26
N ALA D 53 -8.71 -6.23 5.79
CA ALA D 53 -9.20 -7.52 6.25
C ALA D 53 -9.33 -8.45 5.07
N ILE D 54 -10.00 -8.01 3.97
CA ILE D 54 -10.11 -8.78 2.73
C ILE D 54 -8.74 -9.09 2.18
N GLY D 55 -7.85 -8.10 2.13
CA GLY D 55 -6.51 -8.30 1.61
C GLY D 55 -5.72 -9.35 2.37
N THR D 56 -5.87 -9.37 3.71
CA THR D 56 -5.17 -10.32 4.54
C THR D 56 -5.78 -11.72 4.40
N LEU D 57 -7.10 -11.82 4.38
CA LEU D 57 -7.79 -13.11 4.31
C LEU D 57 -7.65 -13.76 2.99
N ALA D 58 -7.63 -12.99 1.89
CA ALA D 58 -7.38 -13.51 0.55
C ALA D 58 -5.93 -14.07 0.45
N GLN D 59 -4.98 -13.45 1.17
CA GLN D 59 -3.60 -13.90 1.20
C GLN D 59 -3.47 -15.18 2.06
N ALA D 60 -4.12 -15.22 3.20
CA ALA D 60 -4.04 -16.36 4.11
C ALA D 60 -4.91 -17.57 3.70
N LEU D 61 -6.19 -17.35 3.43
CA LEU D 61 -7.13 -18.43 3.11
C LEU D 61 -7.47 -18.58 1.63
N GLY D 62 -7.00 -17.67 0.78
CA GLY D 62 -7.16 -17.81 -0.66
C GLY D 62 -6.66 -19.14 -1.24
N PRO D 63 -5.45 -19.65 -0.85
CA PRO D 63 -5.00 -20.95 -1.39
C PRO D 63 -5.87 -22.13 -0.95
N VAL D 64 -6.75 -21.95 0.08
CA VAL D 64 -7.62 -23.04 0.53
C VAL D 64 -8.92 -23.13 -0.26
N SER D 65 -9.60 -22.00 -0.46
CA SER D 65 -10.92 -22.00 -1.09
C SER D 65 -11.13 -21.03 -2.24
N GLY D 66 -10.12 -20.23 -2.55
CA GLY D 66 -10.27 -19.15 -3.51
C GLY D 66 -10.60 -17.82 -2.84
N GLY D 67 -10.80 -17.83 -1.51
CA GLY D 67 -11.07 -16.67 -0.68
C GLY D 67 -12.16 -15.72 -1.17
N HIS D 68 -13.33 -16.27 -1.57
CA HIS D 68 -14.44 -15.43 -2.05
C HIS D 68 -14.91 -14.48 -0.96
N ILE D 69 -15.25 -15.02 0.25
CA ILE D 69 -15.68 -14.24 1.43
C ILE D 69 -16.90 -13.31 1.12
N ASN D 70 -17.65 -13.58 0.02
CA ASN D 70 -18.75 -12.70 -0.42
C ASN D 70 -19.71 -13.46 -1.36
N PRO D 71 -20.98 -13.57 -0.97
CA PRO D 71 -21.95 -14.31 -1.83
C PRO D 71 -22.09 -13.76 -3.26
N ALA D 72 -21.91 -12.46 -3.48
CA ALA D 72 -22.02 -11.86 -4.78
C ALA D 72 -20.89 -12.37 -5.68
N ILE D 73 -19.67 -12.48 -5.15
CA ILE D 73 -18.51 -12.96 -5.92
C ILE D 73 -18.66 -14.46 -6.21
N THR D 74 -19.18 -15.23 -5.23
CA THR D 74 -19.43 -16.66 -5.41
C THR D 74 -20.42 -16.88 -6.57
N LEU D 75 -21.60 -16.24 -6.50
CA LEU D 75 -22.62 -16.33 -7.53
C LEU D 75 -22.13 -15.83 -8.88
N ALA D 76 -21.29 -14.80 -8.92
CA ALA D 76 -20.70 -14.32 -10.20
C ALA D 76 -19.79 -15.40 -10.78
N LEU D 77 -18.99 -16.08 -9.94
CA LEU D 77 -18.12 -17.15 -10.42
C LEU D 77 -18.96 -18.31 -10.95
N LEU D 78 -20.15 -18.57 -10.33
CA LEU D 78 -21.07 -19.59 -10.80
C LEU D 78 -21.56 -19.21 -12.21
N VAL D 79 -22.17 -18.02 -12.37
CA VAL D 79 -22.63 -17.52 -13.67
C VAL D 79 -21.53 -17.53 -14.73
N GLY D 80 -20.30 -17.17 -14.34
CA GLY D 80 -19.17 -17.11 -15.26
C GLY D 80 -18.46 -18.43 -15.51
N ASN D 81 -19.09 -19.56 -15.11
CA ASN D 81 -18.64 -20.94 -15.30
C ASN D 81 -17.25 -21.23 -14.68
N GLN D 82 -17.01 -20.72 -13.48
CA GLN D 82 -15.73 -20.91 -12.81
C GLN D 82 -15.85 -21.93 -11.68
N ILE D 83 -17.00 -21.99 -11.01
CA ILE D 83 -17.23 -22.95 -9.94
C ILE D 83 -18.49 -23.84 -10.21
N SER D 84 -18.66 -24.92 -9.43
CA SER D 84 -19.83 -25.80 -9.52
C SER D 84 -21.04 -25.23 -8.75
N LEU D 85 -22.22 -25.84 -8.97
CA LEU D 85 -23.46 -25.41 -8.34
C LEU D 85 -23.46 -25.67 -6.85
N LEU D 86 -22.91 -26.82 -6.43
CA LEU D 86 -22.85 -27.17 -5.02
C LEU D 86 -21.77 -26.39 -4.28
N ARG D 87 -20.67 -26.04 -4.96
CA ARG D 87 -19.65 -25.18 -4.36
C ARG D 87 -20.27 -23.81 -4.03
N ALA D 88 -21.06 -23.24 -4.97
CA ALA D 88 -21.78 -21.98 -4.77
C ALA D 88 -22.79 -22.06 -3.61
N PHE D 89 -23.57 -23.15 -3.55
CA PHE D 89 -24.54 -23.33 -2.45
C PHE D 89 -23.85 -23.38 -1.09
N PHE D 90 -22.82 -24.24 -0.93
CA PHE D 90 -22.12 -24.40 0.35
C PHE D 90 -21.31 -23.15 0.76
N TYR D 91 -20.67 -22.48 -0.20
CA TYR D 91 -19.86 -21.28 0.05
C TYR D 91 -20.76 -20.17 0.55
N VAL D 92 -21.88 -19.88 -0.14
CA VAL D 92 -22.82 -18.82 0.26
C VAL D 92 -23.35 -19.07 1.68
N ALA D 93 -23.77 -20.29 1.99
CA ALA D 93 -24.32 -20.63 3.30
C ALA D 93 -23.23 -20.53 4.40
N ALA D 94 -21.97 -20.87 4.06
CA ALA D 94 -20.84 -20.79 5.01
C ALA D 94 -20.49 -19.32 5.26
N GLN D 95 -20.62 -18.46 4.23
CA GLN D 95 -20.38 -17.03 4.29
C GLN D 95 -21.46 -16.39 5.16
N LEU D 96 -22.74 -16.73 4.94
CA LEU D 96 -23.83 -16.18 5.76
C LEU D 96 -23.69 -16.65 7.20
N VAL D 97 -23.37 -17.93 7.45
CA VAL D 97 -23.21 -18.42 8.83
C VAL D 97 -22.03 -17.70 9.51
N GLY D 98 -20.91 -17.57 8.77
CA GLY D 98 -19.69 -16.93 9.26
C GLY D 98 -19.90 -15.48 9.61
N ALA D 99 -20.65 -14.74 8.76
CA ALA D 99 -20.96 -13.34 9.01
C ALA D 99 -21.77 -13.20 10.31
N ILE D 100 -22.76 -14.09 10.52
CA ILE D 100 -23.58 -14.04 11.74
C ILE D 100 -22.68 -14.31 12.96
N ALA D 101 -21.82 -15.34 12.88
CA ALA D 101 -20.90 -15.65 13.98
C ALA D 101 -19.92 -14.51 14.25
N GLY D 102 -19.40 -13.89 13.20
CA GLY D 102 -18.49 -12.75 13.28
C GLY D 102 -19.13 -11.57 13.96
N ALA D 103 -20.36 -11.21 13.56
CA ALA D 103 -21.12 -10.14 14.20
C ALA D 103 -21.46 -10.50 15.69
N GLY D 104 -21.78 -11.77 15.92
CA GLY D 104 -22.07 -12.25 17.26
C GLY D 104 -20.90 -12.15 18.22
N ILE D 105 -19.69 -12.45 17.73
CA ILE D 105 -18.49 -12.34 18.55
C ILE D 105 -18.25 -10.87 18.89
N LEU D 106 -18.42 -9.97 17.92
CA LEU D 106 -18.20 -8.54 18.17
C LEU D 106 -19.20 -8.03 19.20
N TYR D 107 -20.47 -8.46 19.09
CA TYR D 107 -21.54 -8.09 20.03
C TYR D 107 -21.14 -8.46 21.45
N GLY D 108 -20.61 -9.67 21.63
CA GLY D 108 -20.15 -10.16 22.93
C GLY D 108 -18.97 -9.46 23.56
N VAL D 109 -18.02 -8.92 22.75
CA VAL D 109 -16.82 -8.27 23.32
C VAL D 109 -16.87 -6.73 23.31
N ALA D 110 -17.75 -6.12 22.50
CA ALA D 110 -17.82 -4.66 22.43
C ALA D 110 -18.46 -4.06 23.66
N PRO D 111 -17.87 -2.99 24.21
CA PRO D 111 -18.50 -2.34 25.36
C PRO D 111 -19.79 -1.64 24.94
N LEU D 112 -20.74 -1.54 25.90
CA LEU D 112 -22.08 -0.99 25.70
C LEU D 112 -22.11 0.40 25.09
N ASN D 113 -21.16 1.28 25.47
CA ASN D 113 -21.15 2.65 24.96
C ASN D 113 -20.70 2.80 23.49
N ALA D 114 -20.18 1.73 22.89
CA ALA D 114 -19.70 1.75 21.51
C ALA D 114 -20.44 0.78 20.59
N ARG D 115 -21.11 -0.23 21.15
CA ARG D 115 -21.80 -1.25 20.38
C ARG D 115 -22.89 -0.70 19.43
N GLY D 116 -23.71 0.26 19.91
CA GLY D 116 -24.78 0.89 19.13
C GLY D 116 -25.60 -0.06 18.27
N ASN D 117 -25.72 0.21 16.97
CA ASN D 117 -26.46 -0.69 16.06
C ASN D 117 -25.52 -1.71 15.32
N LEU D 118 -24.33 -2.01 15.90
CA LEU D 118 -23.36 -2.97 15.38
C LEU D 118 -22.96 -2.73 13.89
N ALA D 119 -22.84 -1.46 13.49
CA ALA D 119 -22.45 -1.07 12.14
C ALA D 119 -23.27 -1.72 11.01
N VAL D 120 -24.57 -1.92 11.21
CA VAL D 120 -25.46 -2.42 10.15
C VAL D 120 -25.43 -1.40 9.00
N ASN D 121 -25.61 -1.83 7.75
CA ASN D 121 -25.69 -0.91 6.62
C ASN D 121 -26.97 -0.05 6.79
N ALA D 122 -26.91 1.22 6.39
CA ALA D 122 -28.04 2.13 6.58
C ALA D 122 -28.06 3.09 5.42
N LEU D 123 -29.18 3.14 4.74
CA LEU D 123 -29.35 4.04 3.60
C LEU D 123 -29.50 5.51 4.03
N ASN D 124 -28.70 6.40 3.46
CA ASN D 124 -28.74 7.85 3.69
C ASN D 124 -30.18 8.37 3.41
N ASN D 125 -30.73 9.20 4.29
CA ASN D 125 -32.10 9.70 4.15
C ASN D 125 -32.38 10.48 2.86
N ASN D 126 -31.35 11.14 2.30
CA ASN D 126 -31.51 11.90 1.06
C ASN D 126 -31.29 11.06 -0.21
N THR D 127 -31.06 9.75 -0.06
CA THR D 127 -30.89 8.86 -1.20
C THR D 127 -31.99 7.81 -1.20
N THR D 128 -32.48 7.50 -2.40
CA THR D 128 -33.53 6.52 -2.61
C THR D 128 -32.94 5.09 -2.78
N GLN D 129 -33.77 4.06 -2.61
CA GLN D 129 -33.35 2.69 -2.80
C GLN D 129 -32.84 2.43 -4.20
N GLY D 130 -33.48 3.04 -5.19
CA GLY D 130 -33.10 2.87 -6.59
C GLY D 130 -31.78 3.52 -6.90
N GLN D 131 -31.52 4.69 -6.29
CA GLN D 131 -30.26 5.41 -6.44
C GLN D 131 -29.15 4.54 -5.81
N ALA D 132 -29.29 4.20 -4.51
CA ALA D 132 -28.36 3.37 -3.76
C ALA D 132 -28.08 2.04 -4.42
N MET D 133 -29.07 1.48 -5.11
CA MET D 133 -28.91 0.19 -5.78
C MET D 133 -27.95 0.31 -6.97
N VAL D 134 -28.01 1.44 -7.70
CA VAL D 134 -27.12 1.66 -8.83
C VAL D 134 -25.67 1.79 -8.31
N VAL D 135 -25.48 2.46 -7.14
CA VAL D 135 -24.19 2.63 -6.49
C VAL D 135 -23.58 1.29 -6.05
N GLU D 136 -24.32 0.46 -5.30
CA GLU D 136 -23.85 -0.86 -4.88
C GLU D 136 -23.45 -1.74 -6.06
N LEU D 137 -24.19 -1.61 -7.16
CA LEU D 137 -23.90 -2.34 -8.39
C LEU D 137 -22.49 -1.92 -8.90
N ILE D 138 -22.22 -0.61 -8.95
CA ILE D 138 -20.95 -0.09 -9.43
C ILE D 138 -19.82 -0.41 -8.46
N LEU D 139 -20.07 -0.32 -7.14
CA LEU D 139 -19.03 -0.62 -6.14
C LEU D 139 -18.58 -2.08 -6.28
N THR D 140 -19.53 -3.00 -6.48
CA THR D 140 -19.26 -4.43 -6.61
C THR D 140 -18.73 -4.82 -7.97
N PHE D 141 -19.17 -4.13 -9.02
CA PHE D 141 -18.71 -4.40 -10.38
C PHE D 141 -17.20 -4.20 -10.50
N GLN D 142 -16.67 -3.09 -10.00
CA GLN D 142 -15.24 -2.84 -10.06
C GLN D 142 -14.46 -3.87 -9.23
N LEU D 143 -15.03 -4.29 -8.08
CA LEU D 143 -14.40 -5.23 -7.18
C LEU D 143 -14.32 -6.58 -7.87
N ALA D 144 -15.45 -7.08 -8.40
CA ALA D 144 -15.47 -8.35 -9.11
C ALA D 144 -14.52 -8.35 -10.31
N LEU D 145 -14.58 -7.33 -11.16
CA LEU D 145 -13.68 -7.20 -12.34
C LEU D 145 -12.21 -7.29 -11.94
N CYS D 146 -11.86 -6.67 -10.81
CA CYS D 146 -10.51 -6.66 -10.29
C CYS D 146 -10.11 -8.08 -9.85
N ILE D 147 -11.02 -8.79 -9.20
CA ILE D 147 -10.81 -10.16 -8.75
C ILE D 147 -10.60 -11.11 -9.93
N PHE D 148 -11.47 -11.00 -10.93
CA PHE D 148 -11.40 -11.90 -12.08
C PHE D 148 -10.09 -11.74 -12.87
N ALA D 149 -9.64 -10.50 -13.06
CA ALA D 149 -8.38 -10.23 -13.76
C ALA D 149 -7.18 -10.64 -12.93
N SER D 150 -7.26 -10.46 -11.59
CA SER D 150 -6.15 -10.78 -10.69
C SER D 150 -5.93 -12.26 -10.43
N THR D 151 -6.99 -13.06 -10.52
CA THR D 151 -6.96 -14.51 -10.26
C THR D 151 -6.97 -15.38 -11.54
N ASP D 152 -7.00 -14.75 -12.72
CA ASP D 152 -7.02 -15.47 -14.00
C ASP D 152 -5.68 -16.06 -14.24
N SER D 153 -5.62 -17.38 -14.44
CA SER D 153 -4.36 -18.08 -14.68
C SER D 153 -3.81 -17.84 -16.09
N ARG D 154 -4.61 -17.25 -17.01
CA ARG D 154 -4.11 -16.97 -18.35
C ARG D 154 -3.46 -15.58 -18.45
N ARG D 155 -3.39 -14.83 -17.33
CA ARG D 155 -2.81 -13.50 -17.37
C ARG D 155 -1.29 -13.64 -17.49
N THR D 156 -0.69 -12.94 -18.45
CA THR D 156 0.76 -12.96 -18.66
C THR D 156 1.46 -11.69 -18.14
N SER D 157 0.77 -10.53 -18.13
CA SER D 157 1.37 -9.30 -17.63
C SER D 157 1.49 -9.33 -16.09
N PRO D 158 2.51 -8.63 -15.50
CA PRO D 158 2.70 -8.65 -14.04
C PRO D 158 1.44 -8.47 -13.20
N VAL D 159 1.08 -9.49 -12.42
CA VAL D 159 -0.11 -9.43 -11.59
C VAL D 159 0.11 -8.66 -10.24
N GLY D 160 1.36 -8.48 -9.83
CA GLY D 160 1.69 -7.81 -8.59
C GLY D 160 1.21 -8.64 -7.41
N SER D 161 0.45 -8.02 -6.50
CA SER D 161 -0.10 -8.73 -5.36
C SER D 161 -1.56 -8.82 -5.59
N PRO D 162 -2.07 -10.01 -5.92
CA PRO D 162 -3.53 -10.14 -6.15
C PRO D 162 -4.32 -9.75 -4.91
N ALA D 163 -3.93 -10.27 -3.75
CA ALA D 163 -4.55 -10.00 -2.44
C ALA D 163 -4.68 -8.51 -2.09
N LEU D 164 -3.59 -7.71 -2.26
CA LEU D 164 -3.59 -6.30 -1.90
C LEU D 164 -4.36 -5.48 -2.93
N SER D 165 -4.29 -5.84 -4.21
CA SER D 165 -5.04 -5.20 -5.27
C SER D 165 -6.54 -5.31 -4.95
N ILE D 166 -7.01 -6.54 -4.66
CA ILE D 166 -8.38 -6.85 -4.31
C ILE D 166 -8.75 -6.13 -3.04
N GLY D 167 -7.93 -6.24 -2.00
CA GLY D 167 -8.17 -5.51 -0.76
C GLY D 167 -8.39 -4.00 -0.93
N LEU D 168 -7.50 -3.31 -1.66
CA LEU D 168 -7.59 -1.86 -1.89
C LEU D 168 -8.75 -1.45 -2.83
N SER D 169 -9.34 -2.41 -3.53
CA SER D 169 -10.54 -2.20 -4.31
C SER D 169 -11.76 -2.09 -3.32
N VAL D 170 -11.70 -2.81 -2.19
CA VAL D 170 -12.70 -2.75 -1.14
C VAL D 170 -12.57 -1.39 -0.45
N THR D 171 -11.33 -0.97 -0.17
CA THR D 171 -11.05 0.35 0.42
C THR D 171 -11.62 1.44 -0.48
N LEU D 172 -11.35 1.38 -1.78
CA LEU D 172 -11.88 2.32 -2.77
C LEU D 172 -13.44 2.37 -2.71
N GLY D 173 -14.07 1.21 -2.74
CA GLY D 173 -15.53 1.11 -2.68
C GLY D 173 -16.12 1.81 -1.48
N HIS D 174 -15.47 1.70 -0.32
CA HIS D 174 -15.91 2.35 0.92
C HIS D 174 -15.72 3.85 0.91
N LEU D 175 -14.70 4.39 0.23
CA LEU D 175 -14.46 5.85 0.19
C LEU D 175 -15.59 6.62 -0.54
N VAL D 176 -16.48 5.92 -1.28
CA VAL D 176 -17.63 6.52 -1.93
C VAL D 176 -18.91 5.92 -1.27
N GLY D 177 -19.00 4.59 -1.23
CA GLY D 177 -20.14 3.86 -0.72
C GLY D 177 -20.60 4.17 0.67
N ILE D 178 -19.66 4.51 1.58
CA ILE D 178 -20.02 4.83 2.96
C ILE D 178 -21.03 5.99 3.04
N TYR D 179 -20.95 6.93 2.09
CA TYR D 179 -21.86 8.09 2.06
C TYR D 179 -23.28 7.77 1.65
N PHE D 180 -23.46 6.70 0.87
CA PHE D 180 -24.77 6.33 0.36
C PHE D 180 -25.53 5.32 1.24
N THR D 181 -24.89 4.21 1.59
CA THR D 181 -25.48 3.10 2.33
C THR D 181 -24.58 2.55 3.44
N GLY D 182 -23.52 3.27 3.81
CA GLY D 182 -22.54 2.74 4.74
C GLY D 182 -21.61 1.72 4.05
N CYS D 183 -21.87 1.43 2.77
CA CYS D 183 -21.15 0.52 1.90
C CYS D 183 -21.29 -0.91 2.29
N SER D 184 -21.82 -1.70 1.40
CA SER D 184 -21.97 -3.12 1.64
C SER D 184 -21.01 -3.92 0.70
N MET D 185 -21.27 -3.89 -0.63
CA MET D 185 -20.51 -4.66 -1.61
C MET D 185 -20.62 -6.20 -1.37
N ASN D 186 -21.24 -6.63 -0.25
CA ASN D 186 -21.24 -8.00 0.21
C ASN D 186 -22.56 -8.29 0.93
N PRO D 187 -23.48 -9.08 0.33
CA PRO D 187 -24.73 -9.42 1.03
C PRO D 187 -24.56 -9.99 2.42
N ALA D 188 -23.50 -10.80 2.65
CA ALA D 188 -23.24 -11.42 3.96
C ALA D 188 -22.81 -10.42 5.02
N ARG D 189 -22.00 -9.41 4.62
CA ARG D 189 -21.56 -8.32 5.49
C ARG D 189 -22.79 -7.51 6.00
N SER D 190 -23.84 -7.41 5.17
CA SER D 190 -25.05 -6.70 5.54
C SER D 190 -25.94 -7.60 6.42
N PHE D 191 -26.15 -8.87 6.01
CA PHE D 191 -26.98 -9.85 6.71
C PHE D 191 -26.46 -10.13 8.15
N GLY D 192 -25.14 -10.26 8.29
CA GLY D 192 -24.47 -10.56 9.54
C GLY D 192 -24.95 -9.77 10.75
N PRO D 193 -24.74 -8.43 10.80
CA PRO D 193 -25.22 -7.67 11.96
C PRO D 193 -26.74 -7.55 12.00
N ALA D 194 -27.40 -7.56 10.83
CA ALA D 194 -28.86 -7.49 10.73
C ALA D 194 -29.53 -8.66 11.49
N VAL D 195 -28.90 -9.85 11.52
CA VAL D 195 -29.46 -10.98 12.24
C VAL D 195 -29.17 -10.87 13.76
N VAL D 196 -27.98 -10.43 14.13
CA VAL D 196 -27.61 -10.30 15.54
C VAL D 196 -28.44 -9.22 16.26
N MET D 197 -28.67 -8.12 15.55
CA MET D 197 -29.46 -7.00 16.09
C MET D 197 -30.94 -7.10 15.75
N ASN D 198 -31.34 -8.02 14.84
CA ASN D 198 -32.71 -8.17 14.34
C ASN D 198 -33.15 -6.82 13.76
N ARG D 199 -32.31 -6.26 12.87
CA ARG D 199 -32.56 -4.97 12.28
C ARG D 199 -32.45 -5.00 10.78
N PHE D 200 -33.57 -5.25 10.13
CA PHE D 200 -33.64 -5.27 8.69
C PHE D 200 -34.43 -4.05 8.22
N SER D 201 -33.76 -3.10 7.58
CA SER D 201 -34.42 -1.89 7.09
C SER D 201 -35.28 -2.22 5.85
N PRO D 202 -36.21 -1.33 5.41
CA PRO D 202 -36.94 -1.61 4.17
C PRO D 202 -36.01 -1.64 2.94
N ALA D 203 -34.82 -0.98 3.02
CA ALA D 203 -33.83 -0.99 1.94
C ALA D 203 -32.88 -2.20 1.97
N HIS D 204 -33.11 -3.18 2.88
CA HIS D 204 -32.23 -4.35 2.98
C HIS D 204 -32.04 -5.09 1.68
N TRP D 205 -33.07 -5.12 0.84
CA TRP D 205 -32.98 -5.80 -0.45
C TRP D 205 -31.88 -5.22 -1.34
N VAL D 206 -31.60 -3.91 -1.24
CA VAL D 206 -30.58 -3.24 -2.05
C VAL D 206 -29.21 -3.88 -1.85
N PHE D 207 -28.92 -4.20 -0.57
CA PHE D 207 -27.67 -4.81 -0.12
C PHE D 207 -27.44 -6.24 -0.67
N TRP D 208 -28.46 -6.85 -1.27
CA TRP D 208 -28.38 -8.17 -1.90
C TRP D 208 -28.35 -7.99 -3.42
N VAL D 209 -29.32 -7.27 -3.96
CA VAL D 209 -29.49 -7.10 -5.39
C VAL D 209 -28.36 -6.29 -6.02
N GLY D 210 -28.03 -5.12 -5.46
CA GLY D 210 -26.92 -4.28 -5.94
C GLY D 210 -25.62 -5.04 -6.15
N PRO D 211 -25.04 -5.60 -5.05
CA PRO D 211 -23.81 -6.41 -5.20
C PRO D 211 -23.92 -7.63 -6.13
N ILE D 212 -25.01 -8.43 -6.05
CA ILE D 212 -25.14 -9.60 -6.92
C ILE D 212 -25.20 -9.20 -8.40
N VAL D 213 -26.10 -8.27 -8.77
CA VAL D 213 -26.22 -7.79 -10.14
C VAL D 213 -24.89 -7.22 -10.63
N GLY D 214 -24.24 -6.42 -9.77
CA GLY D 214 -22.95 -5.79 -10.03
C GLY D 214 -21.87 -6.79 -10.37
N ALA D 215 -21.73 -7.84 -9.54
CA ALA D 215 -20.72 -8.86 -9.78
C ALA D 215 -21.08 -9.76 -10.95
N VAL D 216 -22.36 -10.06 -11.12
CA VAL D 216 -22.81 -10.89 -12.22
C VAL D 216 -22.53 -10.19 -13.57
N LEU D 217 -22.77 -8.86 -13.65
CA LEU D 217 -22.47 -8.07 -14.84
C LEU D 217 -20.95 -8.06 -15.14
N ALA D 218 -20.13 -8.06 -14.10
CA ALA D 218 -18.67 -8.10 -14.23
C ALA D 218 -18.21 -9.47 -14.71
N ALA D 219 -18.87 -10.55 -14.25
CA ALA D 219 -18.53 -11.90 -14.69
C ALA D 219 -18.96 -12.15 -16.12
N ILE D 220 -20.12 -11.60 -16.51
CA ILE D 220 -20.61 -11.76 -17.87
C ILE D 220 -19.69 -11.03 -18.84
N LEU D 221 -19.35 -9.77 -18.52
CA LEU D 221 -18.43 -9.00 -19.33
C LEU D 221 -17.05 -9.67 -19.38
N TYR D 222 -16.47 -10.01 -18.22
CA TYR D 222 -15.13 -10.59 -18.17
C TYR D 222 -15.00 -11.99 -18.81
N PHE D 223 -15.78 -12.97 -18.33
CA PHE D 223 -15.65 -14.34 -18.79
C PHE D 223 -16.31 -14.65 -20.14
N TYR D 224 -17.28 -13.84 -20.57
CA TYR D 224 -17.97 -14.15 -21.82
C TYR D 224 -17.67 -13.19 -22.95
N LEU D 225 -17.43 -11.90 -22.64
CA LEU D 225 -17.19 -10.93 -23.69
C LEU D 225 -15.74 -10.55 -23.86
N LEU D 226 -15.01 -10.28 -22.77
CA LEU D 226 -13.60 -9.85 -22.88
C LEU D 226 -12.64 -11.02 -23.08
N PHE D 227 -12.63 -12.00 -22.15
CA PHE D 227 -11.69 -13.15 -22.21
C PHE D 227 -12.38 -14.53 -22.16
N PRO D 228 -13.13 -14.91 -23.20
CA PRO D 228 -13.79 -16.23 -23.15
C PRO D 228 -12.84 -17.39 -23.38
N ASN D 229 -13.15 -18.55 -22.79
CA ASN D 229 -12.34 -19.75 -22.98
C ASN D 229 -12.97 -20.68 -24.05
N SER D 230 -12.20 -21.64 -24.58
CA SER D 230 -12.73 -22.55 -25.60
C SER D 230 -13.13 -23.89 -24.98
N LEU D 231 -14.34 -23.95 -24.40
CA LEU D 231 -14.82 -25.16 -23.75
C LEU D 231 -16.05 -25.69 -24.47
N SER D 232 -16.15 -27.02 -24.63
CA SER D 232 -17.31 -27.63 -25.28
C SER D 232 -18.56 -27.53 -24.39
N LEU D 233 -19.78 -27.63 -24.99
CA LEU D 233 -21.04 -27.55 -24.25
C LEU D 233 -21.07 -28.50 -23.05
N SER D 234 -20.49 -29.69 -23.20
CA SER D 234 -20.48 -30.67 -22.12
C SER D 234 -19.44 -30.36 -21.03
N GLU D 235 -18.36 -29.65 -21.38
CA GLU D 235 -17.33 -29.24 -20.42
C GLU D 235 -17.88 -28.15 -19.49
N ARG D 236 -18.75 -27.26 -20.01
CA ARG D 236 -19.38 -26.21 -19.23
C ARG D 236 -20.39 -26.82 -18.25
N VAL D 237 -21.15 -27.85 -18.69
CA VAL D 237 -22.09 -28.51 -17.77
C VAL D 237 -21.32 -29.40 -16.77
N ALA D 238 -20.12 -29.91 -17.13
CA ALA D 238 -19.30 -30.68 -16.21
C ALA D 238 -18.86 -29.77 -15.04
N ILE D 239 -18.54 -28.48 -15.33
CA ILE D 239 -18.15 -27.51 -14.33
C ILE D 239 -19.31 -27.24 -13.40
N ILE D 240 -20.55 -27.10 -13.93
CA ILE D 240 -21.73 -26.88 -13.11
C ILE D 240 -21.99 -28.08 -12.22
N LYS D 241 -21.87 -29.30 -12.79
CA LYS D 241 -22.08 -30.57 -12.07
C LYS D 241 -20.97 -30.93 -11.11
N GLY D 242 -19.78 -30.36 -11.28
CA GLY D 242 -18.64 -30.60 -10.42
C GLY D 242 -17.82 -31.82 -10.81
N THR D 243 -17.94 -32.29 -12.06
CA THR D 243 -17.19 -33.46 -12.52
C THR D 243 -16.17 -33.12 -13.61
N TYR D 244 -15.69 -31.87 -13.67
CA TYR D 244 -14.73 -31.47 -14.68
C TYR D 244 -13.29 -31.72 -14.25
N GLU D 245 -12.59 -32.61 -14.98
CA GLU D 245 -11.19 -32.98 -14.74
C GLU D 245 -10.81 -33.22 -13.27
NI NI E . -8.24 13.26 10.02
#